data_8T4E
#
_entry.id   8T4E
#
_cell.length_a   1.00
_cell.length_b   1.00
_cell.length_c   1.00
_cell.angle_alpha   90.00
_cell.angle_beta   90.00
_cell.angle_gamma   90.00
#
_symmetry.space_group_name_H-M   'P 1'
#
loop_
_entity.id
_entity.type
_entity.pdbx_description
1 polymer 'Antigen peptide transporter 1'
2 polymer 'Antigen peptide transporter 2'
3 polymer 'Transframe peptide'
#
loop_
_entity_poly.entity_id
_entity_poly.type
_entity_poly.pdbx_seq_one_letter_code
_entity_poly.pdbx_strand_id
1 'polypeptide(L)'
;MASSRCPAPRGCRCLPGASLAWLGTVLLLLADWVLLRTALPRIFSLLVPTALPLLRVWAVGLSRWAVLWLGACGVLRATV
GSKSENAGAQGWLAALKPLAAALGLALPGLALFRELISWGAPGSADSTRLLHWGSHPTAFVVSYAAALPAAALWHKLGSL
WVPGGQGGSGNPVRRLLGCLGSETRRLSLFLVLVVLSSLGEMAIPFFTGRLTDWILQDGSADTFTRNLTLMSILTIASAV
LEFVGDGIYNNTMGHVHSHLQGEVFGAVLRQETEFFQQNQTGNIMSRVTEDTSTLSDSLSENLSLFLWYLVRGLCLLGIM
LWGSVSLTMVTLITLPLLFLLPKKVGKWYQLLEVQVRESLAKSSQVAIEALSAMPTVRSFANEEGEAQKFREKLQEIKTL
NQKEAVAYAVNSWTTSISGMLLKVGILYIGGQLVTSGAVSSGNLVTFVLYQMQFTQAVEVLLSIYPRVQKAVGSSEKIFE
YLDRTPRCPPSGLLTPLHLEGLVQFQDVSFAYPNRPDVLVLQGLTFTLRPGEVTALVGPNGSGKSTVAALLQNLYQPTGG
QLLLDGKPLPQYEHRYLHRQVAAVGQEPQVFGRSLQENIAYGLTQKPTMEEITAAAVKSGAHSFISGLPQGYDTEVDEAG
SQLSGGQRQAVALARALIRKPCVLILDDATSALDANSQLQVEQLLYESPERYSRSVLLITQHLSLVEQADHILFLEGGAI
REGGTHQQLMEKKGCYWAMVQAPADAPE
;
A
2 'polypeptide(L)'
;MRLPDLRPWTSLLLVDAALLWLLQGPLGTLLPQGLPGLWLEGTLRLGGLWGLLKLRGLLGFVGTLLLPLCLATPLTVSLR
ALVAGASRAPPARVASAPWSWLLVGYGAAGLSWSLWAVLSPPGAQEKEQDQVNNKVLMWRLLKLSRPDLPLLVAAFFFLV
LAVLGETLIPHYSGRVIDILGGDFDPHAFASAIFFMCLFSFGSSLSAGCRGGCFTYTMSRINLRIREQLFSSLLRQDLGF
FQETKTGELNSRLSSDTTLMSNWLPLNANVLLRSLVKVVGLYGFMLSISPRLTLLSLLHMPFTIAAEKVYNTRHQEVLRE
IQDAVARAGQVVREAVGGLQTVRSFGAEEHEVCRYKEALEQCRQLYWRRDLERALYLLVRRVLHLGVQMLMLSCGLQQMQ
DGELTQGSLLSFMIYQESVGSYVQTLVYIYGDMLSNVGAAEKVFSYMDRQPNLPSPGTLAPTTLQGVVKFQDVSFAYPNR
PDRPVLKGLTFTLRPGEVTALVGPNGSGKSTVAALLQNLYQPTGGQVLLDEKPISQYEHCYLHSQVVSVGQEPVLFSGSV
RNNIAYGLQSCEDDKVMAAAQAAHADDFIQEMEHGIYTDVGEKGSQLAAGQKQRLAIARALVRDPRVLILDEATSALDVQ
CEQALQDWNSRGDRTVLVIAHRLQTVQRAHQILVLQEGKLQKLAQL
;
B
3 'polypeptide(L)' ILKEPVHGV C
#
# COMPACT_ATOMS: atom_id res chain seq x y z
N GLU A 183 -31.29 -4.81 2.05
CA GLU A 183 -32.74 -5.01 2.07
C GLU A 183 -33.38 -4.44 0.82
N THR A 184 -34.31 -5.19 0.23
CA THR A 184 -34.94 -4.77 -1.02
C THR A 184 -35.97 -3.67 -0.80
N ARG A 185 -36.69 -3.72 0.34
CA ARG A 185 -37.73 -2.73 0.60
C ARG A 185 -37.15 -1.33 0.76
N ARG A 186 -36.04 -1.22 1.49
CA ARG A 186 -35.41 0.08 1.67
C ARG A 186 -34.83 0.61 0.36
N LEU A 187 -34.30 -0.28 -0.47
CA LEU A 187 -33.81 0.14 -1.78
C LEU A 187 -34.94 0.61 -2.68
N SER A 188 -36.10 -0.06 -2.62
CA SER A 188 -37.26 0.39 -3.39
C SER A 188 -37.75 1.74 -2.90
N LEU A 189 -37.77 1.95 -1.59
CA LEU A 189 -38.15 3.25 -1.05
C LEU A 189 -37.17 4.34 -1.48
N PHE A 190 -35.88 4.02 -1.50
CA PHE A 190 -34.88 4.96 -1.99
C PHE A 190 -35.09 5.26 -3.47
N LEU A 191 -35.48 4.25 -4.25
CA LEU A 191 -35.76 4.46 -5.67
C LEU A 191 -36.95 5.40 -5.85
N VAL A 192 -38.01 5.21 -5.06
CA VAL A 192 -39.16 6.10 -5.14
C VAL A 192 -38.77 7.53 -4.77
N LEU A 193 -37.98 7.67 -3.70
CA LEU A 193 -37.56 9.00 -3.27
C LEU A 193 -36.69 9.69 -4.30
N VAL A 194 -35.77 8.95 -4.92
CA VAL A 194 -34.89 9.58 -5.91
C VAL A 194 -35.66 9.91 -7.18
N VAL A 195 -36.68 9.11 -7.54
CA VAL A 195 -37.52 9.44 -8.68
C VAL A 195 -38.26 10.74 -8.43
N LEU A 196 -38.85 10.87 -7.22
CA LEU A 196 -39.57 12.09 -6.88
C LEU A 196 -38.66 13.30 -6.86
N SER A 197 -37.46 13.15 -6.28
CA SER A 197 -36.53 14.27 -6.20
C SER A 197 -36.05 14.70 -7.59
N SER A 198 -35.76 13.74 -8.46
CA SER A 198 -35.33 14.08 -9.81
C SER A 198 -36.46 14.75 -10.58
N LEU A 199 -37.70 14.31 -10.37
CA LEU A 199 -38.83 14.98 -11.03
C LEU A 199 -38.99 16.40 -10.52
N GLY A 200 -38.83 16.62 -9.22
CA GLY A 200 -39.04 17.94 -8.65
C GLY A 200 -37.90 18.92 -8.86
N GLU A 201 -36.68 18.42 -9.12
CA GLU A 201 -35.54 19.31 -9.23
C GLU A 201 -35.61 20.19 -10.47
N MET A 202 -36.09 19.64 -11.58
CA MET A 202 -36.08 20.26 -12.90
C MET A 202 -37.03 21.46 -13.05
N ALA A 203 -37.70 21.94 -12.00
CA ALA A 203 -38.68 23.01 -12.17
C ALA A 203 -38.04 24.37 -12.40
N ILE A 204 -36.78 24.56 -12.02
CA ILE A 204 -36.16 25.88 -12.14
C ILE A 204 -36.04 26.36 -13.59
N PRO A 205 -35.47 25.59 -14.53
CA PRO A 205 -35.37 26.12 -15.90
C PRO A 205 -36.72 26.25 -16.58
N PHE A 206 -37.64 25.30 -16.33
CA PHE A 206 -38.97 25.37 -16.89
C PHE A 206 -39.69 26.64 -16.45
N PHE A 207 -39.62 26.95 -15.16
CA PHE A 207 -40.34 28.11 -14.67
C PHE A 207 -39.64 29.42 -15.01
N THR A 208 -38.32 29.44 -15.11
CA THR A 208 -37.69 30.68 -15.56
C THR A 208 -37.94 30.95 -17.04
N GLY A 209 -38.02 29.89 -17.86
CA GLY A 209 -38.41 30.08 -19.26
C GLY A 209 -39.85 30.54 -19.38
N ARG A 210 -40.76 29.94 -18.61
CA ARG A 210 -42.14 30.38 -18.63
C ARG A 210 -42.28 31.80 -18.10
N LEU A 211 -41.43 32.22 -17.17
CA LEU A 211 -41.50 33.57 -16.65
C LEU A 211 -40.98 34.58 -17.67
N THR A 212 -39.93 34.22 -18.41
CA THR A 212 -39.48 35.08 -19.50
C THR A 212 -40.55 35.21 -20.58
N ASP A 213 -41.23 34.10 -20.89
CA ASP A 213 -42.34 34.17 -21.84
C ASP A 213 -43.48 35.03 -21.27
N TRP A 214 -43.70 34.95 -19.96
CA TRP A 214 -44.74 35.74 -19.32
C TRP A 214 -44.45 37.23 -19.41
N ILE A 215 -43.19 37.63 -19.18
CA ILE A 215 -42.85 39.05 -19.31
C ILE A 215 -42.76 39.44 -20.78
N LEU A 216 -42.65 38.47 -21.69
CA LEU A 216 -42.67 38.80 -23.11
C LEU A 216 -44.07 39.17 -23.59
N GLN A 217 -45.11 38.54 -23.01
CA GLN A 217 -46.47 38.69 -23.50
C GLN A 217 -47.37 39.46 -22.54
N ASP A 218 -46.80 40.15 -21.55
CA ASP A 218 -47.51 41.07 -20.66
C ASP A 218 -48.63 40.31 -19.92
N GLY A 219 -48.18 39.43 -19.03
CA GLY A 219 -49.07 38.68 -18.16
C GLY A 219 -49.45 39.46 -16.93
N SER A 220 -49.88 38.74 -15.90
CA SER A 220 -50.33 39.32 -14.64
C SER A 220 -49.40 38.93 -13.51
N ALA A 221 -49.41 39.75 -12.45
CA ALA A 221 -48.50 39.52 -11.32
C ALA A 221 -48.96 38.34 -10.46
N ASP A 222 -50.26 38.04 -10.44
CA ASP A 222 -50.75 36.89 -9.70
C ASP A 222 -50.17 35.60 -10.26
N THR A 223 -50.16 35.46 -11.59
CA THR A 223 -49.53 34.31 -12.21
C THR A 223 -48.05 34.26 -11.89
N PHE A 224 -47.39 35.43 -11.90
CA PHE A 224 -45.95 35.51 -11.61
C PHE A 224 -45.63 34.98 -10.22
N THR A 225 -46.34 35.48 -9.19
CA THR A 225 -46.07 35.00 -7.84
C THR A 225 -46.50 33.55 -7.69
N ARG A 226 -47.49 33.10 -8.47
CA ARG A 226 -47.85 31.69 -8.45
C ARG A 226 -46.71 30.81 -8.93
N ASN A 227 -46.09 31.15 -10.07
CA ASN A 227 -44.97 30.35 -10.53
C ASN A 227 -43.77 30.45 -9.60
N LEU A 228 -43.54 31.63 -9.01
CA LEU A 228 -42.42 31.77 -8.08
C LEU A 228 -42.59 30.86 -6.86
N THR A 229 -43.77 30.90 -6.24
CA THR A 229 -44.03 30.05 -5.08
C THR A 229 -43.99 28.57 -5.46
N LEU A 230 -44.56 28.22 -6.62
CA LEU A 230 -44.57 26.82 -7.03
C LEU A 230 -43.17 26.30 -7.29
N MET A 231 -42.33 27.09 -7.97
CA MET A 231 -40.95 26.67 -8.24
C MET A 231 -40.16 26.53 -6.95
N SER A 232 -40.33 27.48 -6.01
CA SER A 232 -39.61 27.40 -4.75
C SER A 232 -40.02 26.16 -3.97
N ILE A 233 -41.33 25.89 -3.89
CA ILE A 233 -41.82 24.74 -3.13
C ILE A 233 -41.33 23.44 -3.77
N LEU A 234 -41.41 23.34 -5.10
CA LEU A 234 -41.00 22.12 -5.77
C LEU A 234 -39.50 21.85 -5.58
N THR A 235 -38.67 22.88 -5.71
CA THR A 235 -37.23 22.66 -5.59
C THR A 235 -36.84 22.35 -4.14
N ILE A 236 -37.50 23.01 -3.17
CA ILE A 236 -37.23 22.71 -1.76
C ILE A 236 -37.61 21.27 -1.45
N ALA A 237 -38.78 20.82 -1.93
CA ALA A 237 -39.20 19.45 -1.70
C ALA A 237 -38.25 18.46 -2.37
N SER A 238 -37.77 18.79 -3.57
CA SER A 238 -36.82 17.93 -4.25
C SER A 238 -35.52 17.79 -3.45
N ALA A 239 -35.01 18.90 -2.91
CA ALA A 239 -33.79 18.83 -2.11
C ALA A 239 -34.00 18.00 -0.85
N VAL A 240 -35.15 18.18 -0.18
CA VAL A 240 -35.41 17.45 1.06
C VAL A 240 -35.53 15.94 0.79
N LEU A 241 -36.26 15.57 -0.26
CA LEU A 241 -36.37 14.15 -0.60
C LEU A 241 -35.04 13.58 -1.05
N GLU A 242 -34.22 14.37 -1.73
CA GLU A 242 -32.87 13.90 -2.07
C GLU A 242 -32.07 13.59 -0.81
N PHE A 243 -32.15 14.47 0.19
CA PHE A 243 -31.43 14.24 1.44
C PHE A 243 -31.92 12.97 2.13
N VAL A 244 -33.24 12.79 2.20
CA VAL A 244 -33.79 11.62 2.89
C VAL A 244 -33.41 10.33 2.16
N GLY A 245 -33.53 10.32 0.83
CA GLY A 245 -33.19 9.13 0.07
C GLY A 245 -31.72 8.78 0.16
N ASP A 246 -30.86 9.80 0.10
CA ASP A 246 -29.44 9.54 0.26
C ASP A 246 -29.22 8.91 1.61
N GLY A 247 -29.73 9.56 2.67
CA GLY A 247 -29.50 9.05 4.01
C GLY A 247 -29.90 7.59 4.17
N ILE A 248 -31.07 7.24 3.64
CA ILE A 248 -31.53 5.85 3.72
C ILE A 248 -30.60 4.92 2.97
N TYR A 249 -30.21 5.31 1.75
CA TYR A 249 -29.34 4.47 0.94
C TYR A 249 -27.99 4.26 1.61
N ASN A 250 -27.40 5.32 2.15
CA ASN A 250 -26.08 5.19 2.77
C ASN A 250 -26.16 4.38 4.05
N ASN A 251 -27.22 4.56 4.84
CA ASN A 251 -27.38 3.79 6.06
C ASN A 251 -27.53 2.30 5.76
N THR A 252 -28.24 1.96 4.68
CA THR A 252 -28.36 0.55 4.34
C THR A 252 -27.07 -0.01 3.77
N MET A 253 -26.39 0.75 2.91
CA MET A 253 -25.19 0.23 2.27
C MET A 253 -24.03 0.08 3.25
N GLY A 254 -23.98 0.91 4.29
CA GLY A 254 -22.97 0.69 5.33
C GLY A 254 -23.14 -0.65 6.02
N HIS A 255 -24.39 -0.99 6.36
CA HIS A 255 -24.68 -2.29 6.96
C HIS A 255 -24.30 -3.42 6.01
N VAL A 256 -24.65 -3.27 4.72
CA VAL A 256 -24.35 -4.32 3.75
C VAL A 256 -22.85 -4.54 3.63
N HIS A 257 -22.08 -3.45 3.54
CA HIS A 257 -20.63 -3.56 3.41
C HIS A 257 -20.00 -4.17 4.65
N SER A 258 -20.46 -3.76 5.85
CA SER A 258 -19.90 -4.33 7.07
C SER A 258 -20.20 -5.83 7.18
N HIS A 259 -21.43 -6.22 6.83
CA HIS A 259 -21.78 -7.63 6.88
C HIS A 259 -20.98 -8.45 5.87
N LEU A 260 -20.77 -7.90 4.66
CA LEU A 260 -19.97 -8.60 3.67
C LEU A 260 -18.53 -8.77 4.13
N GLN A 261 -17.95 -7.72 4.71
CA GLN A 261 -16.57 -7.83 5.22
C GLN A 261 -16.48 -8.87 6.33
N GLY A 262 -17.44 -8.87 7.25
CA GLY A 262 -17.42 -9.85 8.32
C GLY A 262 -17.54 -11.27 7.82
N GLU A 263 -18.44 -11.50 6.85
CA GLU A 263 -18.60 -12.84 6.31
C GLU A 263 -17.37 -13.28 5.53
N VAL A 264 -16.74 -12.35 4.80
CA VAL A 264 -15.52 -12.68 4.07
C VAL A 264 -14.40 -13.08 5.03
N PHE A 265 -14.24 -12.32 6.12
CA PHE A 265 -13.22 -12.66 7.11
C PHE A 265 -13.52 -14.00 7.78
N GLY A 266 -14.79 -14.25 8.11
CA GLY A 266 -15.13 -15.52 8.73
C GLY A 266 -14.91 -16.71 7.80
N ALA A 267 -15.14 -16.51 6.50
CA ALA A 267 -14.90 -17.59 5.54
C ALA A 267 -13.41 -17.81 5.31
N VAL A 268 -12.63 -16.73 5.25
CA VAL A 268 -11.21 -16.89 4.95
C VAL A 268 -10.45 -17.40 6.17
N LEU A 269 -10.99 -17.21 7.38
CA LEU A 269 -10.30 -17.72 8.56
C LEU A 269 -10.45 -19.24 8.69
N ARG A 270 -11.56 -19.81 8.23
CA ARG A 270 -11.80 -21.24 8.31
C ARG A 270 -11.29 -22.00 7.09
N GLN A 271 -10.44 -21.37 6.28
CA GLN A 271 -9.89 -22.03 5.11
C GLN A 271 -8.85 -23.06 5.51
N VAL A 288 -6.64 -9.21 0.80
CA VAL A 288 -7.91 -9.72 0.32
C VAL A 288 -9.06 -8.94 0.95
N THR A 289 -9.00 -8.80 2.28
CA THR A 289 -10.03 -8.04 2.99
C THR A 289 -10.00 -6.56 2.62
N GLU A 290 -8.79 -6.00 2.45
CA GLU A 290 -8.66 -4.62 2.00
C GLU A 290 -9.22 -4.45 0.59
N ASP A 291 -9.00 -5.44 -0.25
CA ASP A 291 -9.56 -5.38 -1.59
C ASP A 291 -11.06 -5.35 -1.46
N THR A 292 -11.60 -6.26 -0.65
CA THR A 292 -13.05 -6.34 -0.48
C THR A 292 -13.62 -5.01 0.01
N SER A 293 -12.95 -4.35 0.96
CA SER A 293 -13.45 -3.09 1.49
C SER A 293 -13.43 -2.00 0.43
N THR A 294 -12.31 -1.89 -0.31
CA THR A 294 -12.23 -0.90 -1.38
C THR A 294 -13.26 -1.17 -2.46
N LEU A 295 -13.44 -2.43 -2.83
CA LEU A 295 -14.46 -2.80 -3.81
C LEU A 295 -15.85 -2.43 -3.31
N SER A 296 -16.14 -2.70 -2.03
CA SER A 296 -17.47 -2.43 -1.49
C SER A 296 -17.78 -0.94 -1.52
N ASP A 297 -16.86 -0.12 -1.01
CA ASP A 297 -17.16 1.31 -0.94
C ASP A 297 -17.16 1.97 -2.32
N SER A 298 -16.23 1.57 -3.20
CA SER A 298 -16.23 2.10 -4.56
C SER A 298 -17.49 1.70 -5.32
N LEU A 299 -17.92 0.45 -5.17
CA LEU A 299 -19.15 0.00 -5.81
C LEU A 299 -20.36 0.74 -5.26
N SER A 300 -20.37 1.01 -3.95
CA SER A 300 -21.47 1.75 -3.34
C SER A 300 -21.59 3.15 -3.94
N GLU A 301 -20.49 3.91 -3.95
CA GLU A 301 -20.58 5.27 -4.47
C GLU A 301 -20.82 5.29 -5.98
N ASN A 302 -20.25 4.33 -6.71
CA ASN A 302 -20.49 4.24 -8.14
C ASN A 302 -21.95 3.93 -8.44
N LEU A 303 -22.54 3.00 -7.71
CA LEU A 303 -23.95 2.67 -7.92
C LEU A 303 -24.85 3.85 -7.58
N SER A 304 -24.51 4.58 -6.52
CA SER A 304 -25.28 5.77 -6.16
C SER A 304 -25.24 6.80 -7.28
N LEU A 305 -24.04 7.12 -7.77
CA LEU A 305 -23.90 8.10 -8.85
C LEU A 305 -24.62 7.63 -10.11
N PHE A 306 -24.45 6.35 -10.47
CA PHE A 306 -25.03 5.82 -11.69
C PHE A 306 -26.55 5.89 -11.64
N LEU A 307 -27.16 5.43 -10.54
CA LEU A 307 -28.60 5.44 -10.43
C LEU A 307 -29.15 6.87 -10.41
N TRP A 308 -28.50 7.75 -9.64
CA TRP A 308 -28.94 9.14 -9.57
C TRP A 308 -28.93 9.80 -10.94
N TYR A 309 -27.81 9.71 -11.65
CA TYR A 309 -27.70 10.42 -12.92
C TYR A 309 -28.51 9.73 -14.02
N LEU A 310 -28.70 8.41 -13.93
CA LEU A 310 -29.56 7.75 -14.91
C LEU A 310 -31.01 8.19 -14.77
N VAL A 311 -31.51 8.25 -13.54
CA VAL A 311 -32.89 8.68 -13.35
C VAL A 311 -33.04 10.16 -13.71
N ARG A 312 -32.03 10.98 -13.37
CA ARG A 312 -32.07 12.39 -13.75
C ARG A 312 -32.08 12.57 -15.25
N GLY A 313 -31.26 11.80 -15.98
CA GLY A 313 -31.24 11.89 -17.43
C GLY A 313 -32.54 11.42 -18.06
N LEU A 314 -33.13 10.35 -17.52
CA LEU A 314 -34.41 9.89 -18.04
C LEU A 314 -35.51 10.93 -17.85
N CYS A 315 -35.57 11.53 -16.66
CA CYS A 315 -36.58 12.56 -16.42
C CYS A 315 -36.33 13.80 -17.29
N LEU A 316 -35.06 14.18 -17.47
CA LEU A 316 -34.73 15.31 -18.33
C LEU A 316 -35.14 15.04 -19.78
N LEU A 317 -34.91 13.81 -20.25
CA LEU A 317 -35.34 13.44 -21.59
C LEU A 317 -36.86 13.51 -21.71
N GLY A 318 -37.56 13.09 -20.66
CA GLY A 318 -39.02 13.17 -20.70
C GLY A 318 -39.54 14.58 -20.80
N ILE A 319 -39.02 15.49 -19.97
CA ILE A 319 -39.54 16.85 -19.99
C ILE A 319 -39.13 17.55 -21.29
N MET A 320 -37.92 17.29 -21.78
CA MET A 320 -37.49 17.89 -23.03
C MET A 320 -38.33 17.39 -24.20
N LEU A 321 -38.66 16.10 -24.21
CA LEU A 321 -39.52 15.56 -25.27
C LEU A 321 -40.91 16.17 -25.19
N TRP A 322 -41.41 16.40 -23.98
CA TRP A 322 -42.71 17.07 -23.84
C TRP A 322 -42.65 18.51 -24.34
N GLY A 323 -41.51 19.18 -24.14
CA GLY A 323 -41.41 20.57 -24.54
C GLY A 323 -41.45 20.78 -26.05
N SER A 324 -40.70 19.97 -26.78
CA SER A 324 -40.64 20.08 -28.24
C SER A 324 -40.08 18.79 -28.82
N VAL A 325 -40.80 18.20 -29.77
CA VAL A 325 -40.37 16.93 -30.34
C VAL A 325 -39.14 17.12 -31.23
N SER A 326 -39.08 18.24 -31.97
CA SER A 326 -38.04 18.42 -32.98
C SER A 326 -36.65 18.52 -32.36
N LEU A 327 -36.51 19.39 -31.35
CA LEU A 327 -35.20 19.59 -30.73
C LEU A 327 -34.76 18.35 -29.98
N THR A 328 -35.69 17.66 -29.32
CA THR A 328 -35.35 16.42 -28.62
C THR A 328 -34.92 15.34 -29.60
N MET A 329 -35.61 15.23 -30.74
CA MET A 329 -35.22 14.26 -31.75
C MET A 329 -33.84 14.57 -32.32
N VAL A 330 -33.55 15.85 -32.54
CA VAL A 330 -32.23 16.25 -33.03
C VAL A 330 -31.15 15.90 -32.00
N THR A 331 -31.42 16.19 -30.73
CA THR A 331 -30.46 15.87 -29.67
C THR A 331 -30.23 14.36 -29.57
N LEU A 332 -31.29 13.58 -29.68
CA LEU A 332 -31.16 12.13 -29.61
C LEU A 332 -30.37 11.61 -30.81
N ILE A 333 -30.61 12.16 -32.00
CA ILE A 333 -29.90 11.67 -33.17
C ILE A 333 -28.46 12.14 -33.23
N THR A 334 -28.11 13.22 -32.53
CA THR A 334 -26.73 13.66 -32.46
C THR A 334 -26.02 13.20 -31.19
N LEU A 335 -26.72 12.50 -30.30
CA LEU A 335 -26.10 11.99 -29.08
C LEU A 335 -25.00 10.97 -29.35
N PRO A 336 -25.29 9.76 -29.92
CA PRO A 336 -24.23 8.74 -29.97
C PRO A 336 -23.21 9.01 -31.06
N LEU A 337 -23.65 9.53 -32.20
CA LEU A 337 -22.75 9.80 -33.32
C LEU A 337 -21.71 10.86 -32.99
N LEU A 338 -21.94 11.65 -31.95
CA LEU A 338 -20.97 12.64 -31.51
C LEU A 338 -20.26 12.27 -30.22
N PHE A 339 -20.87 11.46 -29.36
CA PHE A 339 -20.21 11.07 -28.11
C PHE A 339 -19.62 9.66 -28.13
N LEU A 340 -19.57 9.01 -29.29
CA LEU A 340 -18.81 7.77 -29.38
C LEU A 340 -17.30 8.04 -29.46
N LEU A 341 -16.90 9.18 -30.01
CA LEU A 341 -15.49 9.50 -30.15
C LEU A 341 -14.72 9.59 -28.83
N PRO A 342 -15.26 10.19 -27.74
CA PRO A 342 -14.55 10.07 -26.45
C PRO A 342 -14.30 8.64 -26.02
N LYS A 343 -15.24 7.74 -26.27
CA LYS A 343 -15.02 6.34 -25.95
C LYS A 343 -13.92 5.73 -26.82
N LYS A 344 -13.79 6.18 -28.06
CA LYS A 344 -12.71 5.70 -28.92
C LYS A 344 -11.35 6.20 -28.42
N VAL A 345 -11.28 7.46 -28.01
CA VAL A 345 -9.98 8.03 -27.63
C VAL A 345 -9.56 7.57 -26.23
N GLY A 346 -10.53 7.33 -25.33
CA GLY A 346 -10.20 6.97 -23.97
C GLY A 346 -9.47 5.64 -23.84
N LYS A 347 -9.72 4.70 -24.75
CA LYS A 347 -9.00 3.44 -24.72
C LYS A 347 -7.52 3.64 -25.00
N TRP A 348 -7.19 4.44 -26.01
CA TRP A 348 -5.79 4.73 -26.31
C TRP A 348 -5.16 5.48 -25.15
N TYR A 349 -5.89 6.44 -24.57
CA TYR A 349 -5.38 7.16 -23.41
C TYR A 349 -5.10 6.25 -22.24
N GLN A 350 -6.02 5.32 -21.96
CA GLN A 350 -5.83 4.40 -20.84
C GLN A 350 -4.64 3.48 -21.09
N LEU A 351 -4.46 3.06 -22.35
CA LEU A 351 -3.30 2.23 -22.68
C LEU A 351 -2.00 2.98 -22.43
N LEU A 352 -1.92 4.24 -22.88
CA LEU A 352 -0.70 5.01 -22.66
C LEU A 352 -0.47 5.29 -21.18
N GLU A 353 -1.55 5.57 -20.45
CA GLU A 353 -1.42 5.91 -19.03
C GLU A 353 -1.02 4.69 -18.22
N VAL A 354 -1.55 3.51 -18.55
CA VAL A 354 -1.12 2.31 -17.85
C VAL A 354 0.31 1.95 -18.21
N GLN A 355 0.74 2.22 -19.46
CA GLN A 355 2.15 2.04 -19.79
C GLN A 355 3.02 2.96 -18.93
N VAL A 356 2.57 4.21 -18.73
CA VAL A 356 3.28 5.14 -17.87
C VAL A 356 3.42 4.58 -16.45
N ARG A 357 2.31 4.09 -15.89
CA ARG A 357 2.39 3.65 -14.49
C ARG A 357 3.20 2.37 -14.34
N GLU A 358 3.12 1.44 -15.30
CA GLU A 358 3.94 0.24 -15.17
C GLU A 358 5.42 0.54 -15.36
N SER A 359 5.76 1.45 -16.28
CA SER A 359 7.17 1.83 -16.42
C SER A 359 7.69 2.52 -15.16
N LEU A 360 6.88 3.39 -14.57
CA LEU A 360 7.28 4.06 -13.32
C LEU A 360 7.43 3.04 -12.19
N ALA A 361 6.51 2.08 -12.10
CA ALA A 361 6.60 1.06 -11.06
C ALA A 361 7.83 0.19 -11.24
N LYS A 362 8.17 -0.15 -12.49
CA LYS A 362 9.37 -0.94 -12.74
C LYS A 362 10.63 -0.18 -12.34
N SER A 363 10.68 1.12 -12.67
CA SER A 363 11.83 1.93 -12.26
C SER A 363 11.93 2.03 -10.75
N SER A 364 10.79 2.20 -10.06
CA SER A 364 10.79 2.28 -8.60
C SER A 364 11.24 0.96 -7.98
N GLN A 365 10.81 -0.17 -8.56
CA GLN A 365 11.25 -1.46 -8.05
C GLN A 365 12.75 -1.65 -8.25
N VAL A 366 13.29 -1.20 -9.38
CA VAL A 366 14.73 -1.29 -9.61
C VAL A 366 15.48 -0.45 -8.58
N ALA A 367 15.00 0.76 -8.32
CA ALA A 367 15.65 1.63 -7.34
C ALA A 367 15.58 1.04 -5.94
N ILE A 368 14.43 0.44 -5.58
CA ILE A 368 14.28 -0.14 -4.25
C ILE A 368 15.16 -1.36 -4.09
N GLU A 369 15.27 -2.18 -5.13
CA GLU A 369 16.16 -3.34 -5.08
C GLU A 369 17.61 -2.89 -4.94
N ALA A 370 17.99 -1.82 -5.64
CA ALA A 370 19.34 -1.28 -5.50
C ALA A 370 19.60 -0.75 -4.09
N LEU A 371 18.62 -0.06 -3.52
CA LEU A 371 18.80 0.54 -2.20
C LEU A 371 18.78 -0.49 -1.08
N SER A 372 18.03 -1.59 -1.24
CA SER A 372 17.94 -2.59 -0.19
C SER A 372 19.24 -3.35 0.00
N ALA A 373 20.06 -3.45 -1.03
CA ALA A 373 21.33 -4.15 -0.99
C ALA A 373 22.50 -3.18 -0.89
N MET A 374 22.32 -2.11 -0.12
CA MET A 374 23.32 -1.05 -0.06
C MET A 374 24.72 -1.48 0.41
N PRO A 375 24.89 -2.37 1.40
CA PRO A 375 26.26 -2.82 1.72
C PRO A 375 27.00 -3.44 0.55
N THR A 376 26.32 -4.23 -0.28
CA THR A 376 26.98 -4.82 -1.44
C THR A 376 27.38 -3.76 -2.45
N VAL A 377 26.49 -2.80 -2.71
CA VAL A 377 26.78 -1.73 -3.67
C VAL A 377 27.96 -0.90 -3.18
N ARG A 378 27.99 -0.57 -1.89
CA ARG A 378 29.11 0.18 -1.35
C ARG A 378 30.39 -0.64 -1.36
N SER A 379 30.29 -1.96 -1.17
CA SER A 379 31.48 -2.81 -1.17
C SER A 379 32.06 -2.94 -2.57
N PHE A 380 31.22 -2.92 -3.60
CA PHE A 380 31.70 -3.03 -4.98
C PHE A 380 31.80 -1.68 -5.69
N ALA A 381 31.46 -0.58 -4.99
CA ALA A 381 31.62 0.78 -5.49
C ALA A 381 30.89 1.00 -6.82
N ASN A 382 29.64 0.56 -6.87
CA ASN A 382 28.84 0.62 -8.08
C ASN A 382 27.62 1.52 -7.90
N GLU A 383 27.80 2.65 -7.22
CA GLU A 383 26.71 3.62 -7.12
C GLU A 383 26.41 4.25 -8.48
N GLU A 384 27.45 4.56 -9.25
CA GLU A 384 27.26 5.13 -10.57
C GLU A 384 26.55 4.17 -11.50
N GLY A 385 26.77 2.87 -11.34
CA GLY A 385 26.05 1.89 -12.14
C GLY A 385 24.55 1.91 -11.87
N GLU A 386 24.16 1.99 -10.60
CA GLU A 386 22.75 2.06 -10.25
C GLU A 386 22.13 3.37 -10.75
N ALA A 387 22.88 4.47 -10.63
CA ALA A 387 22.39 5.74 -11.17
C ALA A 387 22.21 5.67 -12.68
N GLN A 388 23.13 5.00 -13.37
CA GLN A 388 23.01 4.84 -14.81
C GLN A 388 21.81 3.99 -15.20
N LYS A 389 21.56 2.90 -14.45
CA LYS A 389 20.39 2.08 -14.71
C LYS A 389 19.09 2.86 -14.51
N PHE A 390 19.02 3.64 -13.44
CA PHE A 390 17.85 4.47 -13.20
C PHE A 390 17.66 5.50 -14.32
N ARG A 391 18.76 6.12 -14.76
CA ARG A 391 18.68 7.10 -15.83
C ARG A 391 18.21 6.44 -17.13
N GLU A 392 18.67 5.23 -17.40
CA GLU A 392 18.22 4.53 -18.61
C GLU A 392 16.73 4.20 -18.53
N LYS A 393 16.24 3.80 -17.36
CA LYS A 393 14.81 3.54 -17.22
C LYS A 393 13.98 4.81 -17.47
N LEU A 394 14.42 5.94 -16.90
CA LEU A 394 13.68 7.18 -17.14
C LEU A 394 13.75 7.62 -18.61
N GLN A 395 14.90 7.40 -19.25
CA GLN A 395 15.03 7.71 -20.67
C GLN A 395 14.08 6.86 -21.51
N GLU A 396 13.90 5.60 -21.13
CA GLU A 396 12.91 4.77 -21.82
C GLU A 396 11.49 5.27 -21.57
N ILE A 397 11.24 5.82 -20.37
CA ILE A 397 9.90 6.33 -20.05
C ILE A 397 9.55 7.54 -20.91
N LYS A 398 10.55 8.39 -21.18
CA LYS A 398 10.30 9.76 -21.65
C LYS A 398 9.51 9.82 -22.97
N THR A 399 9.84 8.95 -23.93
CA THR A 399 9.21 9.04 -25.25
C THR A 399 7.72 8.71 -25.19
N LEU A 400 7.40 7.62 -24.50
CA LEU A 400 6.01 7.26 -24.33
C LEU A 400 5.31 8.38 -23.58
N ASN A 401 5.99 8.95 -22.60
CA ASN A 401 5.38 10.04 -21.85
C ASN A 401 5.00 11.21 -22.76
N GLN A 402 5.88 11.53 -23.73
CA GLN A 402 5.52 12.55 -24.72
C GLN A 402 4.30 12.14 -25.52
N LYS A 403 4.22 10.85 -25.89
CA LYS A 403 3.03 10.32 -26.56
C LYS A 403 1.79 10.50 -25.69
N GLU A 404 1.92 10.27 -24.39
CA GLU A 404 0.79 10.46 -23.47
C GLU A 404 0.33 11.91 -23.44
N ALA A 405 1.29 12.85 -23.44
CA ALA A 405 0.92 14.27 -23.45
C ALA A 405 0.16 14.65 -24.72
N VAL A 406 0.64 14.17 -25.88
CA VAL A 406 -0.05 14.46 -27.14
C VAL A 406 -1.45 13.86 -27.13
N ALA A 407 -1.58 12.65 -26.58
CA ALA A 407 -2.89 12.01 -26.47
C ALA A 407 -3.82 12.82 -25.58
N TYR A 408 -3.29 13.39 -24.50
CA TYR A 408 -4.12 14.22 -23.63
C TYR A 408 -4.63 15.45 -24.37
N ALA A 409 -3.76 16.09 -25.15
CA ALA A 409 -4.18 17.26 -25.91
C ALA A 409 -5.29 16.90 -26.89
N VAL A 410 -5.12 15.79 -27.62
CA VAL A 410 -6.12 15.37 -28.60
C VAL A 410 -7.44 15.02 -27.92
N ASN A 411 -7.36 14.32 -26.77
CA ASN A 411 -8.56 13.91 -26.05
C ASN A 411 -9.34 15.12 -25.57
N SER A 412 -8.65 16.12 -25.01
CA SER A 412 -9.34 17.33 -24.56
C SER A 412 -9.97 18.05 -25.74
N TRP A 413 -9.25 18.14 -26.86
CA TRP A 413 -9.79 18.77 -28.06
C TRP A 413 -11.10 18.14 -28.48
N THR A 414 -11.12 16.81 -28.60
CA THR A 414 -12.32 16.12 -29.07
C THR A 414 -13.45 16.24 -28.06
N THR A 415 -13.17 16.00 -26.78
CA THR A 415 -14.21 15.99 -25.77
C THR A 415 -14.79 17.37 -25.51
N SER A 416 -14.12 18.44 -25.94
CA SER A 416 -14.77 19.74 -25.85
C SER A 416 -15.47 20.12 -27.16
N ILE A 417 -14.84 19.83 -28.30
CA ILE A 417 -15.39 20.24 -29.59
C ILE A 417 -16.72 19.54 -29.86
N SER A 418 -16.85 18.28 -29.46
CA SER A 418 -18.10 17.55 -29.71
C SER A 418 -19.28 18.23 -29.00
N GLY A 419 -19.13 18.52 -27.72
CA GLY A 419 -20.20 19.17 -26.97
C GLY A 419 -20.48 20.58 -27.46
N MET A 420 -19.43 21.33 -27.80
CA MET A 420 -19.63 22.68 -28.29
C MET A 420 -20.39 22.70 -29.62
N LEU A 421 -20.05 21.77 -30.53
CA LEU A 421 -20.76 21.69 -31.80
C LEU A 421 -22.20 21.24 -31.59
N LEU A 422 -22.43 20.35 -30.63
CA LEU A 422 -23.81 19.96 -30.31
C LEU A 422 -24.62 21.18 -29.84
N LYS A 423 -24.04 21.99 -28.96
CA LYS A 423 -24.73 23.18 -28.47
C LYS A 423 -25.00 24.17 -29.60
N VAL A 424 -24.02 24.38 -30.47
CA VAL A 424 -24.18 25.31 -31.59
C VAL A 424 -25.29 24.85 -32.52
N GLY A 425 -25.31 23.56 -32.85
CA GLY A 425 -26.33 23.04 -33.73
C GLY A 425 -27.73 23.14 -33.13
N ILE A 426 -27.86 22.81 -31.84
CA ILE A 426 -29.17 22.89 -31.22
C ILE A 426 -29.63 24.34 -31.11
N LEU A 427 -28.71 25.28 -30.89
CA LEU A 427 -29.11 26.69 -30.82
C LEU A 427 -29.54 27.20 -32.17
N TYR A 428 -28.83 26.81 -33.24
CA TYR A 428 -29.23 27.24 -34.58
C TYR A 428 -30.58 26.68 -34.98
N ILE A 429 -30.82 25.39 -34.69
CA ILE A 429 -32.11 24.79 -35.04
C ILE A 429 -33.23 25.43 -34.23
N GLY A 430 -32.99 25.69 -32.94
CA GLY A 430 -33.99 26.39 -32.14
C GLY A 430 -34.27 27.79 -32.64
N GLY A 431 -33.23 28.50 -33.09
CA GLY A 431 -33.44 29.83 -33.65
C GLY A 431 -34.27 29.80 -34.92
N GLN A 432 -33.99 28.84 -35.79
CA GLN A 432 -34.81 28.70 -37.00
C GLN A 432 -36.26 28.37 -36.65
N LEU A 433 -36.46 27.49 -35.66
CA LEU A 433 -37.82 27.13 -35.27
C LEU A 433 -38.58 28.31 -34.65
N VAL A 434 -37.92 29.08 -33.78
CA VAL A 434 -38.58 30.23 -33.18
C VAL A 434 -38.80 31.34 -34.20
N THR A 435 -37.98 31.38 -35.26
CA THR A 435 -38.32 32.24 -36.40
C THR A 435 -39.58 31.73 -37.09
N SER A 436 -39.70 30.41 -37.26
CA SER A 436 -40.89 29.83 -37.86
C SER A 436 -42.12 29.96 -36.97
N GLY A 437 -41.93 30.16 -35.67
CA GLY A 437 -43.04 30.41 -34.76
C GLY A 437 -43.68 29.18 -34.14
N ALA A 438 -43.21 27.98 -34.48
CA ALA A 438 -43.79 26.78 -33.89
C ALA A 438 -43.34 26.53 -32.46
N VAL A 439 -42.29 27.23 -32.00
CA VAL A 439 -41.75 27.07 -30.66
C VAL A 439 -41.59 28.46 -30.06
N SER A 440 -42.06 28.63 -28.82
CA SER A 440 -41.94 29.91 -28.14
C SER A 440 -40.48 30.18 -27.74
N SER A 441 -40.17 31.46 -27.54
CA SER A 441 -38.82 31.84 -27.14
C SER A 441 -38.51 31.36 -25.72
N GLY A 442 -39.49 31.38 -24.83
CA GLY A 442 -39.29 30.84 -23.50
C GLY A 442 -39.00 29.35 -23.53
N ASN A 443 -39.62 28.63 -24.46
CA ASN A 443 -39.28 27.23 -24.65
C ASN A 443 -37.83 27.07 -25.11
N LEU A 444 -37.35 28.01 -25.94
CA LEU A 444 -35.94 27.99 -26.33
C LEU A 444 -35.03 28.21 -25.13
N VAL A 445 -35.42 29.12 -24.23
CA VAL A 445 -34.61 29.35 -23.03
C VAL A 445 -34.59 28.10 -22.15
N THR A 446 -35.74 27.43 -22.01
CA THR A 446 -35.78 26.19 -21.24
C THR A 446 -34.89 25.13 -21.87
N PHE A 447 -34.90 25.02 -23.20
CA PHE A 447 -34.06 24.03 -23.85
C PHE A 447 -32.58 24.37 -23.71
N VAL A 448 -32.24 25.66 -23.77
CA VAL A 448 -30.86 26.10 -23.56
C VAL A 448 -30.39 25.70 -22.17
N LEU A 449 -31.24 25.89 -21.16
CA LEU A 449 -30.84 25.52 -19.81
C LEU A 449 -30.85 24.01 -19.60
N TYR A 450 -31.71 23.29 -20.32
CA TYR A 450 -31.80 21.83 -20.14
C TYR A 450 -30.66 21.10 -20.83
N GLN A 451 -30.15 21.64 -21.94
CA GLN A 451 -29.12 20.94 -22.70
C GLN A 451 -27.83 20.80 -21.90
N MET A 452 -27.47 21.84 -21.14
CA MET A 452 -26.27 21.76 -20.31
C MET A 452 -26.40 20.67 -19.25
N GLN A 453 -27.56 20.59 -18.60
CA GLN A 453 -27.77 19.57 -17.58
C GLN A 453 -27.76 18.17 -18.18
N PHE A 454 -28.35 18.01 -19.36
CA PHE A 454 -28.29 16.73 -20.05
C PHE A 454 -26.86 16.36 -20.42
N THR A 455 -26.06 17.36 -20.81
CA THR A 455 -24.66 17.13 -21.12
C THR A 455 -23.90 16.64 -19.90
N GLN A 456 -24.11 17.29 -18.75
CA GLN A 456 -23.44 16.83 -17.52
C GLN A 456 -23.89 15.43 -17.14
N ALA A 457 -25.18 15.13 -17.29
CA ALA A 457 -25.70 13.81 -16.93
C ALA A 457 -25.06 12.72 -17.79
N VAL A 458 -25.04 12.92 -19.11
CA VAL A 458 -24.48 11.89 -19.97
C VAL A 458 -22.96 11.79 -19.80
N GLU A 459 -22.29 12.91 -19.51
CA GLU A 459 -20.86 12.88 -19.26
C GLU A 459 -20.54 12.09 -17.99
N VAL A 460 -21.33 12.29 -16.93
CA VAL A 460 -21.12 11.55 -15.69
C VAL A 460 -21.38 10.06 -15.92
N LEU A 461 -22.44 9.74 -16.69
CA LEU A 461 -22.73 8.33 -16.96
C LEU A 461 -21.59 7.65 -17.72
N LEU A 462 -21.06 8.33 -18.75
CA LEU A 462 -19.99 7.72 -19.54
C LEU A 462 -18.67 7.68 -18.76
N SER A 463 -18.47 8.60 -17.83
CA SER A 463 -17.27 8.56 -17.00
C SER A 463 -17.38 7.57 -15.85
N ILE A 464 -18.60 7.14 -15.52
CA ILE A 464 -18.82 6.24 -14.39
C ILE A 464 -18.88 4.79 -14.83
N TYR A 465 -19.53 4.50 -15.97
CA TYR A 465 -19.81 3.11 -16.35
C TYR A 465 -18.59 2.19 -16.46
N PRO A 466 -17.48 2.58 -17.10
CA PRO A 466 -16.32 1.66 -17.13
C PRO A 466 -15.77 1.32 -15.76
N ARG A 467 -15.79 2.26 -14.82
CA ARG A 467 -15.32 1.97 -13.47
C ARG A 467 -16.24 0.97 -12.78
N VAL A 468 -17.54 1.09 -13.00
CA VAL A 468 -18.49 0.10 -12.49
C VAL A 468 -18.22 -1.27 -13.09
N GLN A 469 -17.94 -1.31 -14.40
CA GLN A 469 -17.69 -2.58 -15.06
C GLN A 469 -16.43 -3.25 -14.53
N LYS A 470 -15.35 -2.48 -14.34
CA LYS A 470 -14.13 -3.08 -13.82
C LYS A 470 -14.26 -3.45 -12.35
N ALA A 471 -15.06 -2.71 -11.58
CA ALA A 471 -15.34 -3.11 -10.20
C ALA A 471 -16.11 -4.42 -10.16
N VAL A 472 -17.08 -4.59 -11.06
CA VAL A 472 -17.82 -5.85 -11.13
C VAL A 472 -16.89 -6.99 -11.53
N GLY A 473 -16.00 -6.74 -12.50
CA GLY A 473 -15.05 -7.77 -12.90
C GLY A 473 -14.11 -8.16 -11.78
N SER A 474 -13.70 -7.19 -10.96
CA SER A 474 -12.90 -7.51 -9.77
C SER A 474 -13.71 -8.31 -8.75
N SER A 475 -14.98 -7.95 -8.58
CA SER A 475 -15.83 -8.64 -7.62
C SER A 475 -16.17 -10.07 -8.05
N GLU A 476 -16.09 -10.37 -9.35
CA GLU A 476 -16.43 -11.70 -9.84
C GLU A 476 -15.51 -12.79 -9.29
N LYS A 477 -14.32 -12.44 -8.82
CA LYS A 477 -13.36 -13.44 -8.33
C LYS A 477 -13.74 -14.02 -6.97
N ILE A 478 -14.68 -13.43 -6.26
CA ILE A 478 -15.06 -13.92 -4.94
C ILE A 478 -16.41 -14.64 -5.01
N LEU A 494 -21.24 -34.55 20.79
CA LEU A 494 -21.79 -34.51 22.14
C LEU A 494 -20.73 -34.07 23.14
N THR A 495 -21.07 -33.08 23.95
CA THR A 495 -20.12 -32.53 24.92
C THR A 495 -19.87 -33.56 26.03
N PRO A 496 -18.61 -33.96 26.26
CA PRO A 496 -18.34 -34.92 27.32
C PRO A 496 -18.55 -34.32 28.70
N LEU A 497 -18.88 -35.18 29.66
CA LEU A 497 -19.08 -34.76 31.04
C LEU A 497 -17.75 -34.76 31.82
N HIS A 498 -17.09 -35.91 31.86
CA HIS A 498 -15.80 -36.03 32.53
C HIS A 498 -15.00 -37.14 31.85
N LEU A 499 -13.68 -37.07 32.00
CA LEU A 499 -12.80 -38.05 31.39
C LEU A 499 -11.52 -38.15 32.21
N GLU A 500 -10.83 -39.27 32.06
CA GLU A 500 -9.55 -39.51 32.71
C GLU A 500 -8.37 -39.31 31.78
N GLY A 501 -8.61 -38.87 30.54
CA GLY A 501 -7.55 -38.71 29.57
C GLY A 501 -7.25 -39.95 28.75
N LEU A 502 -8.18 -40.90 28.68
CA LEU A 502 -7.95 -42.14 27.96
C LEU A 502 -7.95 -41.86 26.45
N VAL A 503 -6.76 -41.83 25.86
CA VAL A 503 -6.59 -41.64 24.43
C VAL A 503 -5.94 -42.89 23.86
N GLN A 504 -6.57 -43.48 22.85
CA GLN A 504 -6.07 -44.71 22.25
C GLN A 504 -6.11 -44.59 20.73
N PHE A 505 -5.19 -45.29 20.08
CA PHE A 505 -5.11 -45.33 18.63
C PHE A 505 -4.91 -46.77 18.17
N GLN A 506 -5.33 -47.05 16.94
CA GLN A 506 -5.24 -48.39 16.37
C GLN A 506 -4.98 -48.24 14.88
N ASP A 507 -3.71 -48.44 14.50
CA ASP A 507 -3.26 -48.44 13.11
C ASP A 507 -3.62 -47.13 12.40
N VAL A 508 -3.56 -46.02 13.14
CA VAL A 508 -4.02 -44.74 12.63
C VAL A 508 -3.09 -44.25 11.52
N SER A 509 -3.68 -43.62 10.51
CA SER A 509 -2.93 -43.09 9.37
C SER A 509 -3.46 -41.72 9.02
N PHE A 510 -2.62 -40.93 8.37
CA PHE A 510 -2.99 -39.59 7.95
C PHE A 510 -2.14 -39.18 6.76
N ALA A 511 -2.59 -38.13 6.08
CA ALA A 511 -1.91 -37.62 4.89
C ALA A 511 -1.76 -36.11 4.99
N TYR A 512 -0.77 -35.59 4.25
CA TYR A 512 -0.52 -34.16 4.24
C TYR A 512 -1.66 -33.42 3.54
N PRO A 513 -1.95 -32.18 3.97
CA PRO A 513 -3.01 -31.40 3.31
C PRO A 513 -2.72 -31.07 1.85
N ASN A 514 -1.45 -31.09 1.43
CA ASN A 514 -1.11 -30.77 0.05
C ASN A 514 -1.63 -31.84 -0.91
N ARG A 515 -1.40 -33.12 -0.59
CA ARG A 515 -1.82 -34.22 -1.44
C ARG A 515 -1.87 -35.48 -0.60
N PRO A 516 -2.78 -36.42 -0.90
CA PRO A 516 -2.79 -37.70 -0.19
C PRO A 516 -1.58 -38.56 -0.48
N ASP A 517 -0.84 -38.29 -1.57
CA ASP A 517 0.36 -39.06 -1.88
C ASP A 517 1.46 -38.82 -0.86
N VAL A 518 1.51 -37.63 -0.27
CA VAL A 518 2.50 -37.30 0.76
C VAL A 518 1.93 -37.80 2.08
N LEU A 519 2.20 -39.07 2.38
CA LEU A 519 1.68 -39.67 3.60
C LEU A 519 2.41 -39.12 4.83
N VAL A 520 1.63 -38.77 5.84
CA VAL A 520 2.19 -38.24 7.08
C VAL A 520 2.59 -39.37 8.02
N LEU A 521 1.68 -40.30 8.29
CA LEU A 521 1.96 -41.42 9.17
C LEU A 521 1.03 -42.57 8.81
N GLN A 522 1.39 -43.76 9.30
CA GLN A 522 0.58 -44.95 9.06
C GLN A 522 0.87 -45.96 10.15
N GLY A 523 -0.15 -46.73 10.52
CA GLY A 523 0.00 -47.74 11.55
C GLY A 523 0.30 -47.19 12.93
N LEU A 524 -0.37 -46.12 13.33
CA LEU A 524 -0.18 -45.52 14.64
C LEU A 524 -1.09 -46.20 15.65
N THR A 525 -0.50 -46.72 16.71
CA THR A 525 -1.24 -47.40 17.77
C THR A 525 -0.75 -46.97 19.14
N PHE A 526 -0.42 -45.68 19.27
CA PHE A 526 0.06 -45.16 20.55
C PHE A 526 -1.07 -45.14 21.57
N THR A 527 -0.80 -45.67 22.75
CA THR A 527 -1.76 -45.73 23.84
C THR A 527 -1.35 -44.72 24.91
N LEU A 528 -1.95 -43.54 24.87
CA LEU A 528 -1.66 -42.50 25.87
C LEU A 528 -2.23 -42.95 27.20
N ARG A 529 -1.36 -43.38 28.10
CA ARG A 529 -1.80 -43.91 29.39
C ARG A 529 -2.33 -42.79 30.27
N PRO A 530 -3.56 -42.88 30.77
CA PRO A 530 -4.06 -41.88 31.70
C PRO A 530 -3.27 -41.89 33.00
N GLY A 531 -3.07 -40.70 33.56
CA GLY A 531 -2.31 -40.58 34.79
C GLY A 531 -0.84 -40.88 34.66
N GLU A 532 -0.29 -40.76 33.44
CA GLU A 532 1.12 -41.03 33.21
C GLU A 532 1.58 -40.25 31.99
N VAL A 533 2.89 -40.12 31.86
CA VAL A 533 3.48 -39.37 30.76
C VAL A 533 3.97 -40.35 29.69
N THR A 534 4.12 -39.84 28.48
CA THR A 534 4.63 -40.62 27.36
C THR A 534 5.38 -39.69 26.43
N ALA A 535 6.53 -40.14 25.92
CA ALA A 535 7.40 -39.33 25.09
C ALA A 535 7.54 -39.99 23.72
N LEU A 536 7.31 -39.21 22.67
CA LEU A 536 7.45 -39.67 21.30
C LEU A 536 8.76 -39.12 20.74
N VAL A 537 9.62 -40.01 20.23
CA VAL A 537 10.93 -39.66 19.73
C VAL A 537 11.08 -40.24 18.32
N GLY A 538 12.26 -40.05 17.76
CA GLY A 538 12.56 -40.55 16.43
C GLY A 538 12.99 -39.46 15.48
N PRO A 539 13.39 -39.84 14.26
CA PRO A 539 13.80 -38.85 13.26
C PRO A 539 12.62 -38.07 12.68
N ASN A 540 12.90 -37.26 11.66
CA ASN A 540 11.85 -36.47 11.02
C ASN A 540 10.81 -37.34 10.32
N GLY A 541 11.13 -38.59 10.01
CA GLY A 541 10.18 -39.51 9.42
C GLY A 541 9.20 -40.13 10.38
N SER A 542 9.31 -39.81 11.68
CA SER A 542 8.37 -40.32 12.66
C SER A 542 6.97 -39.75 12.46
N GLY A 543 6.87 -38.52 11.96
CA GLY A 543 5.58 -37.87 11.80
C GLY A 543 4.88 -37.55 13.10
N LYS A 544 5.63 -37.08 14.10
CA LYS A 544 5.03 -36.71 15.39
C LYS A 544 4.14 -35.49 15.28
N SER A 545 4.37 -34.64 14.29
CA SER A 545 3.50 -33.48 14.07
C SER A 545 2.09 -33.92 13.70
N THR A 546 1.96 -34.97 12.90
CA THR A 546 0.65 -35.51 12.57
C THR A 546 -0.04 -36.08 13.79
N VAL A 547 0.72 -36.74 14.68
CA VAL A 547 0.14 -37.26 15.91
C VAL A 547 -0.33 -36.12 16.81
N ALA A 548 0.45 -35.04 16.88
CA ALA A 548 0.04 -33.87 17.66
C ALA A 548 -1.21 -33.23 17.07
N ALA A 549 -1.29 -33.13 15.75
CA ALA A 549 -2.47 -32.56 15.11
C ALA A 549 -3.71 -33.41 15.34
N LEU A 550 -3.55 -34.74 15.27
CA LEU A 550 -4.67 -35.64 15.55
C LEU A 550 -5.09 -35.57 17.00
N LEU A 551 -4.14 -35.39 17.92
CA LEU A 551 -4.48 -35.20 19.33
C LEU A 551 -5.25 -33.90 19.54
N GLN A 552 -4.84 -32.83 18.85
CA GLN A 552 -5.54 -31.55 18.93
C GLN A 552 -6.72 -31.47 17.98
N ASN A 553 -6.93 -32.50 17.15
CA ASN A 553 -8.05 -32.58 16.20
C ASN A 553 -8.04 -31.43 15.20
N LEU A 554 -6.84 -30.92 14.87
CA LEU A 554 -6.73 -29.86 13.89
C LEU A 554 -6.76 -30.37 12.46
N TYR A 555 -6.56 -31.67 12.26
CA TYR A 555 -6.61 -32.26 10.93
C TYR A 555 -7.40 -33.56 10.99
N GLN A 556 -8.17 -33.82 9.95
CA GLN A 556 -9.00 -35.01 9.93
C GLN A 556 -8.15 -36.27 9.75
N PRO A 557 -8.53 -37.38 10.37
CA PRO A 557 -7.78 -38.64 10.16
C PRO A 557 -7.98 -39.17 8.75
N THR A 558 -6.99 -39.93 8.29
CA THR A 558 -7.02 -40.54 6.96
C THR A 558 -6.58 -42.00 7.03
N GLY A 559 -7.06 -42.72 8.01
CA GLY A 559 -6.75 -44.13 8.15
C GLY A 559 -6.73 -44.55 9.61
N GLY A 560 -7.05 -45.82 9.85
CA GLY A 560 -7.03 -46.38 11.19
C GLY A 560 -8.19 -45.89 12.05
N GLN A 561 -8.03 -46.09 13.35
CA GLN A 561 -9.06 -45.72 14.31
C GLN A 561 -8.42 -45.01 15.49
N LEU A 562 -9.21 -44.15 16.15
CA LEU A 562 -8.76 -43.43 17.33
C LEU A 562 -9.95 -43.21 18.24
N LEU A 563 -9.65 -43.02 19.52
CA LEU A 563 -10.70 -42.81 20.52
C LEU A 563 -10.15 -41.95 21.65
N LEU A 564 -11.01 -41.07 22.17
CA LEU A 564 -10.69 -40.23 23.32
C LEU A 564 -11.75 -40.49 24.38
N ASP A 565 -11.34 -41.12 25.50
CA ASP A 565 -12.23 -41.53 26.59
C ASP A 565 -13.36 -42.41 26.07
N GLY A 566 -13.03 -43.32 25.15
CA GLY A 566 -14.00 -44.24 24.59
C GLY A 566 -14.83 -43.69 23.45
N LYS A 567 -14.60 -42.45 23.04
CA LYS A 567 -15.36 -41.83 21.96
C LYS A 567 -14.41 -41.17 20.98
N PRO A 568 -14.80 -41.10 19.70
CA PRO A 568 -13.98 -40.36 18.72
C PRO A 568 -13.88 -38.88 19.07
N LEU A 569 -12.71 -38.30 18.81
CA LEU A 569 -12.49 -36.89 19.09
C LEU A 569 -13.39 -35.96 18.27
N PRO A 570 -13.55 -36.11 16.94
CA PRO A 570 -14.47 -35.22 16.23
C PRO A 570 -15.94 -35.42 16.59
N GLN A 571 -16.29 -36.55 17.24
CA GLN A 571 -17.68 -36.79 17.59
C GLN A 571 -18.17 -35.91 18.74
N TYR A 572 -17.26 -35.27 19.47
CA TYR A 572 -17.64 -34.45 20.61
C TYR A 572 -17.85 -32.99 20.15
N GLU A 573 -18.22 -32.15 21.11
CA GLU A 573 -18.41 -30.73 20.85
C GLU A 573 -17.07 -30.06 20.57
N HIS A 574 -17.08 -29.06 19.70
CA HIS A 574 -15.85 -28.37 19.32
C HIS A 574 -15.27 -27.59 20.48
N ARG A 575 -16.11 -26.81 21.18
CA ARG A 575 -15.62 -26.01 22.31
C ARG A 575 -15.13 -26.89 23.44
N TYR A 576 -15.86 -27.95 23.77
CA TYR A 576 -15.45 -28.84 24.85
C TYR A 576 -14.16 -29.56 24.51
N LEU A 577 -14.01 -30.02 23.27
CA LEU A 577 -12.77 -30.69 22.86
C LEU A 577 -11.59 -29.73 22.86
N HIS A 578 -11.82 -28.48 22.43
CA HIS A 578 -10.73 -27.51 22.43
C HIS A 578 -10.35 -27.08 23.84
N ARG A 579 -11.31 -27.10 24.77
CA ARG A 579 -11.01 -26.70 26.14
C ARG A 579 -10.42 -27.84 26.96
N GLN A 580 -10.71 -29.10 26.60
CA GLN A 580 -10.24 -30.24 27.36
C GLN A 580 -8.86 -30.70 26.91
N VAL A 581 -8.73 -31.06 25.64
CA VAL A 581 -7.45 -31.56 25.11
C VAL A 581 -6.67 -30.34 24.64
N ALA A 582 -6.00 -29.70 25.59
CA ALA A 582 -5.21 -28.51 25.28
C ALA A 582 -3.85 -28.91 24.74
N ALA A 583 -3.15 -27.92 24.17
CA ALA A 583 -1.83 -28.16 23.62
C ALA A 583 -1.03 -26.86 23.65
N VAL A 584 0.29 -27.00 23.58
CA VAL A 584 1.21 -25.88 23.51
C VAL A 584 1.86 -25.89 22.14
N GLY A 585 1.90 -24.72 21.50
CA GLY A 585 2.43 -24.64 20.15
C GLY A 585 3.92 -24.93 20.09
N GLN A 586 4.36 -25.45 18.94
CA GLN A 586 5.78 -25.72 18.73
C GLN A 586 6.58 -24.43 18.75
N GLU A 587 6.08 -23.39 18.08
CA GLU A 587 6.68 -22.06 18.16
C GLU A 587 5.78 -21.18 19.01
N PRO A 588 6.21 -20.78 20.21
CA PRO A 588 5.32 -19.99 21.08
C PRO A 588 5.09 -18.61 20.50
N GLN A 589 3.83 -18.16 20.60
CA GLN A 589 3.44 -16.86 20.10
C GLN A 589 2.43 -16.24 21.07
N VAL A 590 2.43 -14.92 21.14
CA VAL A 590 1.52 -14.17 22.00
C VAL A 590 0.82 -13.12 21.16
N PHE A 591 -0.51 -13.06 21.27
CA PHE A 591 -1.28 -12.07 20.54
C PHE A 591 -1.07 -10.69 21.15
N GLY A 592 -1.38 -9.67 20.36
CA GLY A 592 -1.19 -8.29 20.79
C GLY A 592 -2.23 -7.83 21.79
N ARG A 593 -2.17 -8.38 23.01
CA ARG A 593 -3.09 -8.02 24.08
C ARG A 593 -2.32 -8.01 25.39
N SER A 594 -3.03 -7.80 26.49
CA SER A 594 -2.40 -7.78 27.80
C SER A 594 -2.09 -9.20 28.27
N LEU A 595 -1.24 -9.30 29.29
CA LEU A 595 -0.90 -10.60 29.87
C LEU A 595 -2.08 -11.23 30.57
N GLN A 596 -3.10 -10.46 30.94
CA GLN A 596 -4.35 -11.04 31.42
C GLN A 596 -5.26 -11.50 30.29
N GLU A 597 -4.89 -11.22 29.04
CA GLU A 597 -5.64 -11.67 27.88
C GLU A 597 -4.81 -12.57 26.97
N ASN A 598 -3.57 -12.18 26.66
CA ASN A 598 -2.72 -12.98 25.79
C ASN A 598 -2.28 -14.28 26.43
N ILE A 599 -2.36 -14.38 27.76
CA ILE A 599 -2.07 -15.62 28.46
C ILE A 599 -3.35 -16.33 28.88
N ALA A 600 -4.50 -15.86 28.42
CA ALA A 600 -5.78 -16.53 28.67
C ALA A 600 -6.68 -16.46 27.43
N TYR A 601 -6.09 -16.45 26.23
CA TYR A 601 -6.85 -16.31 25.01
C TYR A 601 -7.74 -17.51 24.77
N GLY A 602 -8.93 -17.26 24.25
CA GLY A 602 -9.89 -18.31 23.96
C GLY A 602 -10.73 -18.76 25.14
N LEU A 603 -10.53 -18.17 26.31
CA LEU A 603 -11.30 -18.55 27.49
C LEU A 603 -12.74 -18.06 27.35
N THR A 604 -13.69 -18.94 27.72
CA THR A 604 -15.10 -18.56 27.67
C THR A 604 -15.43 -17.49 28.72
N GLN A 605 -14.83 -17.61 29.90
CA GLN A 605 -15.05 -16.65 30.98
C GLN A 605 -13.71 -16.03 31.38
N LYS A 606 -13.75 -14.76 31.75
CA LYS A 606 -12.53 -14.05 32.13
C LYS A 606 -12.00 -14.61 33.45
N PRO A 607 -10.75 -15.05 33.51
CA PRO A 607 -10.22 -15.60 34.76
C PRO A 607 -9.96 -14.51 35.78
N THR A 608 -9.96 -14.91 37.05
CA THR A 608 -9.63 -14.00 38.13
C THR A 608 -8.13 -13.68 38.12
N MET A 609 -7.79 -12.54 38.71
CA MET A 609 -6.39 -12.15 38.81
C MET A 609 -5.59 -13.11 39.67
N GLU A 610 -6.19 -13.59 40.77
CA GLU A 610 -5.53 -14.57 41.61
C GLU A 610 -5.34 -15.89 40.88
N GLU A 611 -6.36 -16.33 40.12
CA GLU A 611 -6.25 -17.56 39.36
C GLU A 611 -5.17 -17.44 38.28
N ILE A 612 -5.12 -16.30 37.59
CA ILE A 612 -4.10 -16.10 36.57
C ILE A 612 -2.71 -16.06 37.18
N THR A 613 -2.58 -15.44 38.36
CA THR A 613 -1.29 -15.40 39.06
C THR A 613 -0.88 -16.80 39.50
N ALA A 614 -1.83 -17.61 39.96
CA ALA A 614 -1.52 -18.99 40.34
C ALA A 614 -1.10 -19.81 39.11
N ALA A 615 -1.76 -19.60 37.98
CA ALA A 615 -1.37 -20.28 36.75
C ALA A 615 0.03 -19.87 36.31
N ALA A 616 0.35 -18.58 36.42
CA ALA A 616 1.69 -18.11 36.07
C ALA A 616 2.74 -18.67 37.02
N VAL A 617 2.40 -18.80 38.31
CA VAL A 617 3.32 -19.39 39.28
C VAL A 617 3.56 -20.87 38.97
N LYS A 618 2.49 -21.58 38.61
CA LYS A 618 2.64 -22.99 38.25
C LYS A 618 3.46 -23.15 36.97
N SER A 619 3.27 -22.26 36.01
CA SER A 619 4.01 -22.27 34.76
C SER A 619 5.34 -21.54 34.85
N GLY A 620 5.66 -20.95 35.99
CA GLY A 620 6.89 -20.20 36.13
C GLY A 620 6.87 -18.81 35.52
N ALA A 621 5.71 -18.32 35.12
CA ALA A 621 5.59 -17.01 34.50
C ALA A 621 5.23 -15.92 35.49
N HIS A 622 5.16 -16.23 36.79
CA HIS A 622 4.81 -15.22 37.79
C HIS A 622 5.89 -14.14 37.88
N SER A 623 7.16 -14.55 37.83
CA SER A 623 8.25 -13.57 37.87
C SER A 623 8.25 -12.67 36.64
N PHE A 624 8.00 -13.25 35.47
CA PHE A 624 7.95 -12.45 34.24
C PHE A 624 6.78 -11.47 34.25
N ILE A 625 5.62 -11.91 34.77
CA ILE A 625 4.46 -11.03 34.84
C ILE A 625 4.69 -9.93 35.86
N SER A 626 5.33 -10.25 37.00
CA SER A 626 5.58 -9.26 38.03
C SER A 626 6.62 -8.24 37.56
N GLY A 627 7.64 -8.68 36.82
CA GLY A 627 8.66 -7.77 36.34
C GLY A 627 8.18 -6.82 35.26
N LEU A 628 7.14 -7.20 34.53
CA LEU A 628 6.57 -6.32 33.52
C LEU A 628 5.81 -5.17 34.20
N PRO A 629 5.79 -3.99 33.58
CA PRO A 629 5.04 -2.87 34.17
C PRO A 629 3.54 -3.10 34.12
N GLN A 630 2.84 -2.39 35.01
CA GLN A 630 1.38 -2.40 35.13
C GLN A 630 0.82 -3.78 35.48
N GLY A 631 1.64 -4.66 36.04
CA GLY A 631 1.15 -5.95 36.50
C GLY A 631 0.73 -6.84 35.35
N TYR A 632 -0.45 -7.45 35.49
CA TYR A 632 -0.98 -8.38 34.50
C TYR A 632 -1.52 -7.68 33.24
N ASP A 633 -1.65 -6.36 33.27
CA ASP A 633 -2.12 -5.61 32.11
C ASP A 633 -0.99 -5.06 31.26
N THR A 634 0.16 -5.72 31.26
CA THR A 634 1.31 -5.25 30.49
C THR A 634 1.05 -5.37 28.99
N GLU A 635 1.47 -4.36 28.25
CA GLU A 635 1.32 -4.38 26.81
C GLU A 635 2.30 -5.36 26.18
N VAL A 636 1.83 -6.07 25.16
CA VAL A 636 2.64 -7.05 24.44
C VAL A 636 2.65 -6.69 22.96
N ASP A 637 3.82 -6.84 22.34
CA ASP A 637 3.97 -6.54 20.93
C ASP A 637 3.21 -7.57 20.08
N GLU A 638 3.02 -7.22 18.82
CA GLU A 638 2.27 -8.08 17.90
C GLU A 638 3.04 -9.38 17.64
N ALA A 639 2.31 -10.50 17.72
CA ALA A 639 2.83 -11.85 17.47
C ALA A 639 3.99 -12.21 18.40
N GLY A 640 4.09 -11.57 19.55
CA GLY A 640 5.17 -11.85 20.48
C GLY A 640 6.55 -11.53 19.94
N SER A 641 6.70 -10.39 19.27
CA SER A 641 7.97 -10.05 18.64
C SER A 641 9.03 -9.70 19.69
N GLN A 642 8.68 -8.89 20.67
CA GLN A 642 9.64 -8.45 21.68
C GLN A 642 9.78 -9.42 22.85
N LEU A 643 8.92 -10.43 22.93
CA LEU A 643 8.97 -11.38 24.03
C LEU A 643 10.14 -12.34 23.87
N SER A 644 10.76 -12.69 25.00
CA SER A 644 11.83 -13.66 24.99
C SER A 644 11.28 -15.06 24.72
N GLY A 645 12.18 -15.95 24.27
CA GLY A 645 11.76 -17.30 23.97
C GLY A 645 11.29 -18.08 25.18
N GLY A 646 12.03 -17.97 26.29
CA GLY A 646 11.61 -18.62 27.52
C GLY A 646 10.33 -18.02 28.08
N GLN A 647 10.21 -16.70 28.00
CA GLN A 647 8.98 -16.04 28.45
C GLN A 647 7.80 -16.45 27.59
N ARG A 648 8.01 -16.55 26.27
CA ARG A 648 6.93 -17.00 25.38
C ARG A 648 6.54 -18.45 25.67
N GLN A 649 7.51 -19.30 25.94
CA GLN A 649 7.21 -20.70 26.28
C GLN A 649 6.44 -20.79 27.60
N ALA A 650 6.84 -19.98 28.59
CA ALA A 650 6.12 -19.95 29.86
C ALA A 650 4.70 -19.43 29.69
N VAL A 651 4.52 -18.43 28.83
CA VAL A 651 3.19 -17.88 28.57
C VAL A 651 2.32 -18.94 27.89
N ALA A 652 2.89 -19.68 26.94
CA ALA A 652 2.14 -20.74 26.28
C ALA A 652 1.77 -21.86 27.26
N LEU A 653 2.70 -22.22 28.15
CA LEU A 653 2.40 -23.23 29.16
C LEU A 653 1.31 -22.76 30.11
N ALA A 654 1.33 -21.48 30.48
CA ALA A 654 0.26 -20.93 31.32
C ALA A 654 -1.07 -20.93 30.59
N ARG A 655 -1.06 -20.60 29.30
CA ARG A 655 -2.29 -20.61 28.52
C ARG A 655 -2.86 -22.03 28.40
N ALA A 656 -1.98 -23.03 28.31
CA ALA A 656 -2.44 -24.41 28.26
C ALA A 656 -2.95 -24.88 29.61
N LEU A 657 -2.29 -24.47 30.70
CA LEU A 657 -2.66 -24.93 32.02
C LEU A 657 -3.84 -24.18 32.62
N ILE A 658 -4.19 -23.02 32.06
CA ILE A 658 -5.32 -22.25 32.59
C ILE A 658 -6.65 -22.94 32.32
N ARG A 659 -6.72 -23.79 31.31
CA ARG A 659 -7.97 -24.47 30.97
C ARG A 659 -8.17 -25.77 31.74
N LYS A 660 -7.23 -26.13 32.62
CA LYS A 660 -7.21 -27.38 33.38
C LYS A 660 -7.36 -28.56 32.44
N PRO A 661 -6.36 -28.86 31.61
CA PRO A 661 -6.54 -29.87 30.58
C PRO A 661 -6.53 -31.29 31.13
N CYS A 662 -7.22 -32.18 30.41
CA CYS A 662 -7.17 -33.60 30.69
C CYS A 662 -6.04 -34.31 29.96
N VAL A 663 -5.35 -33.60 29.07
CA VAL A 663 -4.20 -34.16 28.35
C VAL A 663 -3.36 -32.99 27.86
N LEU A 664 -2.05 -33.12 27.98
CA LEU A 664 -1.11 -32.10 27.56
C LEU A 664 -0.30 -32.60 26.36
N ILE A 665 -0.30 -31.82 25.28
CA ILE A 665 0.43 -32.16 24.07
C ILE A 665 1.57 -31.18 23.89
N LEU A 666 2.10 -30.68 25.01
CA LEU A 666 3.16 -29.67 24.97
C LEU A 666 4.44 -30.28 24.41
N ASP A 667 4.95 -29.69 23.32
CA ASP A 667 6.14 -30.19 22.68
C ASP A 667 6.85 -29.05 21.96
N ASP A 668 8.14 -29.28 21.68
CA ASP A 668 9.00 -28.36 20.93
C ASP A 668 9.14 -27.00 21.61
N ALA A 669 8.84 -26.92 22.91
CA ALA A 669 9.00 -25.67 23.65
C ALA A 669 10.42 -25.44 24.13
N THR A 670 11.27 -26.47 24.11
CA THR A 670 12.64 -26.36 24.57
C THR A 670 13.58 -25.79 23.53
N SER A 671 13.10 -25.55 22.30
CA SER A 671 13.94 -24.94 21.28
C SER A 671 14.32 -23.52 21.66
N ALA A 672 13.37 -22.75 22.21
CA ALA A 672 13.62 -21.39 22.65
C ALA A 672 13.74 -21.26 24.17
N LEU A 673 13.49 -22.34 24.92
CA LEU A 673 13.57 -22.29 26.37
C LEU A 673 15.00 -22.52 26.85
N ASP A 674 15.23 -22.19 28.11
CA ASP A 674 16.53 -22.37 28.74
C ASP A 674 16.55 -23.65 29.57
N ALA A 675 17.69 -23.90 30.22
CA ALA A 675 17.81 -25.08 31.08
C ALA A 675 16.92 -24.96 32.30
N ASN A 676 16.79 -23.75 32.86
CA ASN A 676 15.90 -23.56 34.01
C ASN A 676 14.45 -23.79 33.63
N SER A 677 14.04 -23.35 32.45
CA SER A 677 12.68 -23.61 31.98
C SER A 677 12.45 -25.10 31.77
N GLN A 678 13.46 -25.80 31.24
CA GLN A 678 13.34 -27.25 31.06
C GLN A 678 13.23 -27.96 32.40
N LEU A 679 14.00 -27.52 33.40
CA LEU A 679 13.92 -28.11 34.73
C LEU A 679 12.56 -27.84 35.36
N GLN A 680 12.02 -26.64 35.18
CA GLN A 680 10.69 -26.33 35.69
C GLN A 680 9.63 -27.18 35.02
N VAL A 681 9.76 -27.39 33.71
CA VAL A 681 8.82 -28.23 32.98
C VAL A 681 8.90 -29.68 33.46
N GLU A 682 10.12 -30.16 33.71
CA GLU A 682 10.29 -31.51 34.23
C GLU A 682 9.70 -31.65 35.63
N GLN A 683 9.87 -30.64 36.48
CA GLN A 683 9.27 -30.66 37.81
C GLN A 683 7.76 -30.63 37.73
N LEU A 684 7.19 -29.86 36.80
CA LEU A 684 5.75 -29.81 36.65
C LEU A 684 5.19 -31.13 36.10
N LEU A 685 5.90 -31.76 35.16
CA LEU A 685 5.37 -32.95 34.50
C LEU A 685 5.63 -34.21 35.31
N TYR A 686 6.90 -34.54 35.55
CA TYR A 686 7.24 -35.81 36.18
C TYR A 686 6.82 -35.85 37.65
N GLU A 687 6.98 -34.74 38.36
CA GLU A 687 6.67 -34.68 39.79
C GLU A 687 5.24 -34.19 40.06
N SER A 688 4.36 -34.26 39.08
CA SER A 688 2.97 -33.89 39.29
C SER A 688 2.29 -34.92 40.20
N PRO A 689 1.36 -34.47 41.04
CA PRO A 689 0.64 -35.42 41.91
C PRO A 689 -0.34 -36.28 41.10
N GLU A 690 0.03 -37.54 40.89
CA GLU A 690 -0.76 -38.49 40.09
C GLU A 690 -1.05 -37.97 38.69
N ARG A 691 -0.14 -37.13 38.16
CA ARG A 691 -0.28 -36.45 36.88
C ARG A 691 -1.54 -35.61 36.77
N TYR A 692 -2.09 -35.21 37.93
CA TYR A 692 -3.32 -34.42 38.02
C TYR A 692 -4.49 -35.09 37.30
N SER A 693 -4.51 -36.43 37.36
CA SER A 693 -5.50 -37.27 36.67
C SER A 693 -5.58 -36.94 35.18
N ARG A 694 -4.41 -36.83 34.55
CA ARG A 694 -4.33 -36.44 33.15
C ARG A 694 -3.15 -37.15 32.50
N SER A 695 -3.16 -37.17 31.18
CA SER A 695 -2.10 -37.78 30.39
C SER A 695 -1.16 -36.69 29.86
N VAL A 696 -0.17 -37.12 29.08
CA VAL A 696 0.78 -36.20 28.47
C VAL A 696 1.32 -36.84 27.19
N LEU A 697 1.72 -36.00 26.25
CA LEU A 697 2.29 -36.46 24.98
C LEU A 697 3.50 -35.59 24.63
N LEU A 698 4.38 -35.38 25.62
CA LEU A 698 5.51 -34.47 25.47
C LEU A 698 6.48 -35.00 24.43
N ILE A 699 6.73 -34.21 23.39
CA ILE A 699 7.62 -34.60 22.30
C ILE A 699 8.68 -33.52 22.12
N THR A 700 9.04 -32.85 23.21
CA THR A 700 10.02 -31.78 23.16
C THR A 700 11.42 -32.33 22.91
N GLN A 701 12.33 -31.43 22.52
CA GLN A 701 13.70 -31.81 22.19
C GLN A 701 14.57 -32.03 23.42
N HIS A 702 14.09 -31.72 24.61
CA HIS A 702 14.87 -31.91 25.84
C HIS A 702 14.89 -33.40 26.16
N LEU A 703 16.01 -34.07 25.81
CA LEU A 703 16.12 -35.50 26.01
C LEU A 703 16.31 -35.88 27.47
N SER A 704 16.66 -34.92 28.33
CA SER A 704 16.84 -35.22 29.75
C SER A 704 15.52 -35.63 30.40
N LEU A 705 14.43 -34.94 30.08
CA LEU A 705 13.13 -35.27 30.66
C LEU A 705 12.54 -36.54 30.08
N VAL A 706 13.04 -37.00 28.93
CA VAL A 706 12.53 -38.22 28.33
C VAL A 706 12.87 -39.44 29.18
N GLU A 707 13.97 -39.38 29.93
CA GLU A 707 14.34 -40.49 30.81
C GLU A 707 13.32 -40.69 31.92
N GLN A 708 12.78 -39.60 32.46
CA GLN A 708 11.80 -39.68 33.53
C GLN A 708 10.43 -40.15 33.06
N ALA A 709 10.22 -40.23 31.75
CA ALA A 709 8.93 -40.66 31.22
C ALA A 709 8.66 -42.12 31.53
N ASP A 710 7.38 -42.43 31.77
CA ASP A 710 7.00 -43.80 32.11
C ASP A 710 7.16 -44.73 30.92
N HIS A 711 6.80 -44.29 29.72
CA HIS A 711 6.89 -45.13 28.54
C HIS A 711 7.25 -44.24 27.36
N ILE A 712 8.50 -44.30 26.93
CA ILE A 712 8.96 -43.55 25.77
C ILE A 712 8.89 -44.44 24.55
N LEU A 713 8.85 -43.83 23.37
CA LEU A 713 8.73 -44.56 22.12
C LEU A 713 9.43 -43.79 21.02
N PHE A 714 9.81 -44.52 19.97
CA PHE A 714 10.45 -43.95 18.80
C PHE A 714 9.77 -44.49 17.54
N LEU A 715 9.66 -43.63 16.53
CA LEU A 715 9.00 -43.98 15.28
C LEU A 715 9.87 -43.55 14.11
N GLU A 716 9.66 -44.19 12.97
CA GLU A 716 10.39 -43.88 11.75
C GLU A 716 9.56 -44.28 10.55
N GLY A 717 9.59 -43.44 9.51
CA GLY A 717 8.84 -43.73 8.30
C GLY A 717 7.34 -43.63 8.46
N GLY A 718 6.86 -42.88 9.44
CA GLY A 718 5.44 -42.76 9.70
C GLY A 718 4.85 -43.85 10.57
N ALA A 719 5.64 -44.85 10.96
CA ALA A 719 5.17 -45.95 11.79
C ALA A 719 6.08 -46.09 13.00
N ILE A 720 5.51 -46.63 14.09
CA ILE A 720 6.27 -46.80 15.32
C ILE A 720 7.36 -47.84 15.13
N ARG A 721 8.53 -47.59 15.71
CA ARG A 721 9.67 -48.47 15.58
C ARG A 721 10.16 -49.05 16.89
N GLU A 722 9.84 -48.44 18.02
CA GLU A 722 10.31 -48.94 19.32
C GLU A 722 9.33 -48.47 20.39
N GLY A 723 9.58 -48.92 21.62
CA GLY A 723 8.73 -48.55 22.73
C GLY A 723 9.25 -49.13 24.02
N GLY A 724 8.40 -49.10 25.03
CA GLY A 724 8.73 -49.61 26.34
C GLY A 724 9.24 -48.55 27.29
N THR A 725 9.86 -49.02 28.38
CA THR A 725 10.40 -48.14 29.39
C THR A 725 11.64 -47.41 28.87
N HIS A 726 12.07 -46.40 29.62
CA HIS A 726 13.22 -45.59 29.21
C HIS A 726 14.49 -46.43 29.18
N GLN A 727 14.72 -47.25 30.21
CA GLN A 727 15.89 -48.12 30.21
C GLN A 727 15.80 -49.17 29.12
N GLN A 728 14.61 -49.74 28.90
CA GLN A 728 14.42 -50.73 27.84
C GLN A 728 14.61 -50.10 26.47
N LEU A 729 14.10 -48.90 26.26
CA LEU A 729 14.29 -48.21 24.98
C LEU A 729 15.74 -47.85 24.76
N MET A 730 16.45 -47.43 25.81
CA MET A 730 17.86 -47.09 25.67
C MET A 730 18.74 -48.32 25.49
N GLU A 731 18.28 -49.49 25.94
CA GLU A 731 19.02 -50.73 25.77
C GLU A 731 18.63 -51.50 24.51
N LYS A 732 17.54 -51.12 23.85
CA LYS A 732 17.08 -51.80 22.64
C LYS A 732 17.86 -51.28 21.43
N LYS A 733 17.37 -51.60 20.23
CA LYS A 733 17.96 -51.14 18.99
C LYS A 733 17.15 -50.03 18.33
N GLY A 734 16.32 -49.33 19.11
CA GLY A 734 15.47 -48.29 18.58
C GLY A 734 16.24 -47.00 18.31
N CYS A 735 15.50 -46.03 17.77
CA CYS A 735 16.09 -44.73 17.46
C CYS A 735 16.48 -43.97 18.73
N TYR A 736 15.74 -44.17 19.82
CA TYR A 736 16.09 -43.53 21.08
C TYR A 736 17.43 -44.02 21.60
N TRP A 737 17.69 -45.32 21.48
CA TRP A 737 18.98 -45.86 21.88
C TRP A 737 20.09 -45.35 20.99
N ALA A 738 19.83 -45.24 19.68
CA ALA A 738 20.82 -44.69 18.76
C ALA A 738 21.17 -43.25 19.09
N MET A 739 20.16 -42.46 19.44
CA MET A 739 20.42 -41.08 19.87
C MET A 739 21.18 -41.06 21.20
N VAL A 740 20.84 -41.97 22.12
CA VAL A 740 21.53 -42.05 23.40
C VAL A 740 22.97 -42.49 23.22
N GLN A 741 23.19 -43.48 22.33
CA GLN A 741 24.54 -43.96 22.08
C GLN A 741 25.38 -42.95 21.30
N ALA A 742 24.75 -41.96 20.68
CA ALA A 742 25.48 -40.94 19.93
C ALA A 742 26.20 -39.98 20.88
N GLN B 131 4.09 30.45 7.35
CA GLN B 131 5.49 30.29 7.75
C GLN B 131 6.42 30.61 6.59
N VAL B 132 7.61 31.12 6.91
CA VAL B 132 8.60 31.37 5.87
C VAL B 132 9.22 30.08 5.36
N ASN B 133 9.11 28.99 6.12
CA ASN B 133 9.60 27.69 5.65
C ASN B 133 8.82 27.24 4.42
N ASN B 134 7.51 27.45 4.41
CA ASN B 134 6.71 27.11 3.24
C ASN B 134 7.10 27.97 2.04
N LYS B 135 7.40 29.25 2.27
CA LYS B 135 7.86 30.10 1.18
C LYS B 135 9.20 29.64 0.63
N VAL B 136 10.09 29.19 1.52
CA VAL B 136 11.37 28.63 1.08
C VAL B 136 11.14 27.37 0.25
N LEU B 137 10.18 26.53 0.67
CA LEU B 137 9.85 25.34 -0.11
C LEU B 137 9.31 25.69 -1.49
N MET B 138 8.44 26.70 -1.57
CA MET B 138 7.93 27.14 -2.87
C MET B 138 9.05 27.69 -3.74
N TRP B 139 9.99 28.42 -3.14
CA TRP B 139 11.13 28.94 -3.90
C TRP B 139 12.01 27.81 -4.42
N ARG B 140 12.23 26.78 -3.61
CA ARG B 140 13.00 25.62 -4.06
C ARG B 140 12.28 24.88 -5.17
N LEU B 141 10.96 24.76 -5.07
CA LEU B 141 10.19 24.11 -6.14
C LEU B 141 10.27 24.90 -7.43
N LEU B 142 10.21 26.23 -7.35
CA LEU B 142 10.36 27.05 -8.54
C LEU B 142 11.75 26.93 -9.14
N LYS B 143 12.78 26.87 -8.29
CA LYS B 143 14.14 26.66 -8.79
C LYS B 143 14.26 25.30 -9.46
N LEU B 144 13.56 24.29 -8.94
CA LEU B 144 13.54 22.98 -9.57
C LEU B 144 12.86 23.03 -10.93
N SER B 145 11.77 23.77 -11.04
CA SER B 145 11.03 23.86 -12.29
C SER B 145 11.60 24.87 -13.27
N ARG B 146 12.65 25.59 -12.89
CA ARG B 146 13.28 26.58 -13.76
C ARG B 146 13.67 26.09 -15.17
N PRO B 147 14.24 24.89 -15.38
CA PRO B 147 14.63 24.51 -16.75
C PRO B 147 13.47 24.35 -17.73
N ASP B 148 12.22 24.34 -17.27
CA ASP B 148 11.06 24.19 -18.14
C ASP B 148 10.38 25.53 -18.44
N LEU B 149 11.17 26.59 -18.61
CA LEU B 149 10.61 27.92 -18.82
C LEU B 149 9.77 28.08 -20.09
N PRO B 150 10.23 27.66 -21.28
CA PRO B 150 9.39 27.89 -22.48
C PRO B 150 8.06 27.16 -22.44
N LEU B 151 8.04 25.92 -21.92
CA LEU B 151 6.79 25.19 -21.82
C LEU B 151 5.82 25.87 -20.88
N LEU B 152 6.31 26.38 -19.75
CA LEU B 152 5.44 27.09 -18.83
C LEU B 152 4.94 28.40 -19.40
N VAL B 153 5.78 29.11 -20.16
CA VAL B 153 5.35 30.36 -20.80
C VAL B 153 4.24 30.08 -21.81
N ALA B 154 4.43 29.05 -22.64
CA ALA B 154 3.41 28.68 -23.62
C ALA B 154 2.13 28.24 -22.93
N ALA B 155 2.24 27.48 -21.83
CA ALA B 155 1.07 27.04 -21.10
C ALA B 155 0.31 28.21 -20.49
N PHE B 156 1.03 29.19 -19.95
CA PHE B 156 0.36 30.35 -19.36
C PHE B 156 -0.33 31.20 -20.42
N PHE B 157 0.30 31.36 -21.58
CA PHE B 157 -0.33 32.11 -22.66
C PHE B 157 -1.58 31.40 -23.17
N PHE B 158 -1.51 30.07 -23.30
CA PHE B 158 -2.69 29.29 -23.67
C PHE B 158 -3.79 29.40 -22.63
N LEU B 159 -3.40 29.42 -21.34
CA LEU B 159 -4.37 29.61 -20.27
C LEU B 159 -5.09 30.95 -20.38
N VAL B 160 -4.33 32.01 -20.67
CA VAL B 160 -4.93 33.34 -20.82
C VAL B 160 -5.92 33.35 -21.98
N LEU B 161 -5.53 32.73 -23.10
CA LEU B 161 -6.43 32.66 -24.26
C LEU B 161 -7.71 31.89 -23.93
N ALA B 162 -7.58 30.77 -23.22
CA ALA B 162 -8.75 29.98 -22.85
C ALA B 162 -9.67 30.77 -21.92
N VAL B 163 -9.09 31.46 -20.94
CA VAL B 163 -9.89 32.26 -20.01
C VAL B 163 -10.67 33.34 -20.75
N LEU B 164 -10.00 34.02 -21.69
CA LEU B 164 -10.69 35.05 -22.46
C LEU B 164 -11.82 34.46 -23.30
N GLY B 165 -11.59 33.30 -23.92
CA GLY B 165 -12.62 32.69 -24.75
C GLY B 165 -13.84 32.27 -23.96
N GLU B 166 -13.63 31.57 -22.84
CA GLU B 166 -14.78 31.15 -22.04
C GLU B 166 -15.44 32.31 -21.32
N THR B 167 -14.73 33.42 -21.12
CA THR B 167 -15.39 34.61 -20.59
C THR B 167 -16.30 35.24 -21.65
N LEU B 168 -15.82 35.34 -22.89
CA LEU B 168 -16.56 36.06 -23.91
C LEU B 168 -17.66 35.22 -24.58
N ILE B 169 -17.69 33.90 -24.37
CA ILE B 169 -18.74 33.09 -25.00
C ILE B 169 -20.16 33.46 -24.56
N PRO B 170 -20.49 33.54 -23.26
CA PRO B 170 -21.90 33.75 -22.91
C PRO B 170 -22.45 35.11 -23.27
N HIS B 171 -21.60 36.11 -23.50
CA HIS B 171 -22.07 37.40 -23.97
C HIS B 171 -22.76 37.28 -25.33
N TYR B 172 -22.11 36.60 -26.28
CA TYR B 172 -22.74 36.37 -27.57
C TYR B 172 -23.85 35.34 -27.48
N SER B 173 -23.72 34.38 -26.55
CA SER B 173 -24.83 33.45 -26.34
C SER B 173 -26.10 34.18 -25.89
N GLY B 174 -25.94 35.27 -25.14
CA GLY B 174 -27.10 36.08 -24.78
C GLY B 174 -27.52 37.04 -25.88
N ARG B 175 -26.58 37.53 -26.67
CA ARG B 175 -26.93 38.41 -27.79
C ARG B 175 -27.74 37.67 -28.84
N VAL B 176 -27.55 36.35 -28.96
CA VAL B 176 -28.37 35.56 -29.87
C VAL B 176 -29.84 35.60 -29.44
N ILE B 177 -30.09 35.42 -28.13
CA ILE B 177 -31.46 35.53 -27.62
C ILE B 177 -31.97 36.95 -27.77
N ASP B 178 -31.07 37.94 -27.61
CA ASP B 178 -31.46 39.34 -27.75
C ASP B 178 -31.98 39.64 -29.15
N ILE B 179 -31.28 39.17 -30.19
CA ILE B 179 -31.74 39.41 -31.54
C ILE B 179 -32.97 38.55 -31.86
N LEU B 180 -33.02 37.33 -31.31
CA LEU B 180 -34.16 36.45 -31.60
C LEU B 180 -35.46 36.99 -31.02
N GLY B 181 -35.40 37.60 -29.84
CA GLY B 181 -36.63 38.02 -29.17
C GLY B 181 -37.36 39.13 -29.90
N GLY B 182 -36.63 40.12 -30.39
CA GLY B 182 -37.24 41.26 -31.05
C GLY B 182 -37.42 41.05 -32.55
N ASP B 183 -37.16 42.08 -33.34
CA ASP B 183 -37.27 41.97 -34.78
C ASP B 183 -36.16 41.08 -35.33
N PHE B 184 -36.42 40.51 -36.50
CA PHE B 184 -35.51 39.55 -37.11
C PHE B 184 -34.56 40.28 -38.07
N ASP B 185 -33.27 40.22 -37.75
CA ASP B 185 -32.23 40.80 -38.60
C ASP B 185 -31.21 39.72 -38.92
N PRO B 186 -31.13 39.26 -40.18
CA PRO B 186 -30.21 38.16 -40.51
C PRO B 186 -28.75 38.48 -40.29
N HIS B 187 -28.32 39.74 -40.50
CA HIS B 187 -26.91 40.08 -40.37
C HIS B 187 -26.43 39.90 -38.93
N ALA B 188 -27.21 40.42 -37.97
CA ALA B 188 -26.81 40.31 -36.57
C ALA B 188 -26.80 38.87 -36.09
N PHE B 189 -27.81 38.08 -36.50
CA PHE B 189 -27.86 36.67 -36.11
C PHE B 189 -26.68 35.90 -36.68
N ALA B 190 -26.37 36.12 -37.97
CA ALA B 190 -25.24 35.42 -38.58
C ALA B 190 -23.92 35.82 -37.93
N SER B 191 -23.73 37.12 -37.68
CA SER B 191 -22.50 37.59 -37.05
C SER B 191 -22.36 37.01 -35.65
N ALA B 192 -23.45 36.99 -34.88
CA ALA B 192 -23.40 36.47 -33.52
C ALA B 192 -23.08 34.98 -33.50
N ILE B 193 -23.73 34.19 -34.36
CA ILE B 193 -23.49 32.75 -34.34
C ILE B 193 -22.08 32.44 -34.84
N PHE B 194 -21.59 33.19 -35.84
CA PHE B 194 -20.23 32.98 -36.32
C PHE B 194 -19.20 33.34 -35.25
N PHE B 195 -19.37 34.46 -34.59
CA PHE B 195 -18.43 34.82 -33.55
C PHE B 195 -18.44 33.77 -32.46
N MET B 196 -19.63 33.43 -31.97
CA MET B 196 -19.71 32.49 -30.86
C MET B 196 -19.07 31.16 -31.23
N CYS B 197 -19.29 30.68 -32.45
CA CYS B 197 -18.64 29.45 -32.90
C CYS B 197 -17.12 29.61 -32.95
N LEU B 198 -16.64 30.75 -33.45
CA LEU B 198 -15.21 30.99 -33.53
C LEU B 198 -14.57 31.04 -32.15
N PHE B 199 -15.21 31.74 -31.21
CA PHE B 199 -14.67 31.83 -29.86
C PHE B 199 -14.68 30.48 -29.16
N SER B 200 -15.73 29.69 -29.37
CA SER B 200 -15.78 28.35 -28.80
C SER B 200 -14.66 27.47 -29.35
N PHE B 201 -14.44 27.52 -30.67
CA PHE B 201 -13.39 26.73 -31.28
C PHE B 201 -12.02 27.15 -30.76
N GLY B 202 -11.78 28.46 -30.67
CA GLY B 202 -10.49 28.94 -30.17
C GLY B 202 -10.25 28.56 -28.72
N SER B 203 -11.30 28.68 -27.88
CA SER B 203 -11.17 28.29 -26.49
C SER B 203 -10.88 26.81 -26.34
N SER B 204 -11.56 25.97 -27.13
CA SER B 204 -11.33 24.53 -27.07
C SER B 204 -9.90 24.18 -27.48
N LEU B 205 -9.44 24.77 -28.58
CA LEU B 205 -8.08 24.50 -29.07
C LEU B 205 -7.04 24.92 -28.06
N SER B 206 -7.18 26.13 -27.51
CA SER B 206 -6.19 26.62 -26.55
C SER B 206 -6.24 25.85 -25.24
N ALA B 207 -7.42 25.41 -24.80
CA ALA B 207 -7.52 24.60 -23.60
C ALA B 207 -6.82 23.26 -23.78
N GLY B 208 -7.03 22.62 -24.93
CA GLY B 208 -6.33 21.36 -25.20
C GLY B 208 -4.83 21.53 -25.23
N CYS B 209 -4.34 22.60 -25.89
CA CYS B 209 -2.91 22.85 -25.94
C CYS B 209 -2.34 23.11 -24.56
N ARG B 210 -3.06 23.89 -23.73
CA ARG B 210 -2.59 24.17 -22.38
C ARG B 210 -2.53 22.91 -21.54
N GLY B 211 -3.55 22.04 -21.66
CA GLY B 211 -3.53 20.80 -20.92
C GLY B 211 -2.36 19.91 -21.31
N GLY B 212 -2.09 19.80 -22.61
CA GLY B 212 -0.97 18.99 -23.07
C GLY B 212 0.36 19.52 -22.57
N CYS B 213 0.57 20.84 -22.69
CA CYS B 213 1.83 21.44 -22.24
C CYS B 213 2.03 21.27 -20.75
N PHE B 214 0.97 21.47 -19.95
CA PHE B 214 1.11 21.33 -18.51
C PHE B 214 1.36 19.88 -18.10
N THR B 215 0.72 18.92 -18.78
CA THR B 215 1.00 17.52 -18.49
C THR B 215 2.44 17.16 -18.78
N TYR B 216 2.97 17.63 -19.92
CA TYR B 216 4.37 17.35 -20.25
C TYR B 216 5.32 17.98 -19.23
N THR B 217 5.02 19.22 -18.81
CA THR B 217 5.88 19.87 -17.81
C THR B 217 5.86 19.12 -16.49
N MET B 218 4.67 18.67 -16.06
CA MET B 218 4.57 17.91 -14.82
C MET B 218 5.38 16.63 -14.89
N SER B 219 5.29 15.92 -16.01
CA SER B 219 6.04 14.67 -16.16
C SER B 219 7.54 14.91 -16.15
N ARG B 220 8.01 15.95 -16.83
CA ARG B 220 9.43 16.25 -16.83
C ARG B 220 9.93 16.60 -15.44
N ILE B 221 9.15 17.38 -14.68
CA ILE B 221 9.52 17.72 -13.31
C ILE B 221 9.62 16.46 -12.46
N ASN B 222 8.64 15.56 -12.61
CA ASN B 222 8.63 14.32 -11.82
C ASN B 222 9.86 13.47 -12.12
N LEU B 223 10.20 13.31 -13.41
CA LEU B 223 11.36 12.51 -13.76
C LEU B 223 12.65 13.13 -13.25
N ARG B 224 12.80 14.45 -13.39
CA ARG B 224 14.02 15.11 -12.94
C ARG B 224 14.20 14.98 -11.43
N ILE B 225 13.12 15.17 -10.66
CA ILE B 225 13.28 15.09 -9.22
C ILE B 225 13.47 13.65 -8.76
N ARG B 226 12.90 12.67 -9.49
CA ARG B 226 13.19 11.28 -9.14
C ARG B 226 14.66 10.95 -9.33
N GLU B 227 15.24 11.41 -10.44
CA GLU B 227 16.67 11.19 -10.68
C GLU B 227 17.51 11.87 -9.61
N GLN B 228 17.19 13.12 -9.27
CA GLN B 228 17.96 13.84 -8.26
C GLN B 228 17.85 13.18 -6.88
N LEU B 229 16.64 12.71 -6.53
CA LEU B 229 16.45 12.06 -5.24
C LEU B 229 17.23 10.75 -5.15
N PHE B 230 17.22 9.95 -6.22
CA PHE B 230 17.99 8.71 -6.18
C PHE B 230 19.49 8.98 -6.10
N SER B 231 19.97 9.99 -6.85
CA SER B 231 21.39 10.32 -6.79
C SER B 231 21.79 10.80 -5.41
N SER B 232 20.92 11.58 -4.75
CA SER B 232 21.23 12.03 -3.40
C SER B 232 21.15 10.91 -2.39
N LEU B 233 20.22 9.96 -2.59
CA LEU B 233 20.07 8.86 -1.65
C LEU B 233 21.22 7.89 -1.73
N LEU B 234 21.81 7.70 -2.91
CA LEU B 234 22.87 6.71 -3.05
C LEU B 234 24.16 7.10 -2.34
N ARG B 235 24.31 8.35 -1.90
CA ARG B 235 25.55 8.80 -1.28
C ARG B 235 25.53 8.72 0.24
N GLN B 236 24.44 8.27 0.84
CA GLN B 236 24.35 8.26 2.30
C GLN B 236 25.09 7.05 2.88
N ASP B 237 25.46 7.16 4.15
CA ASP B 237 26.16 6.09 4.84
C ASP B 237 25.23 4.93 5.15
N LEU B 238 25.82 3.79 5.44
CA LEU B 238 25.05 2.57 5.71
C LEU B 238 24.24 2.67 6.99
N GLY B 239 24.66 3.50 7.95
CA GLY B 239 23.89 3.66 9.17
C GLY B 239 22.52 4.23 8.92
N PHE B 240 22.41 5.16 7.98
CA PHE B 240 21.11 5.73 7.62
C PHE B 240 20.19 4.67 7.04
N PHE B 241 20.73 3.79 6.18
CA PHE B 241 19.90 2.74 5.59
C PHE B 241 19.52 1.69 6.62
N GLN B 242 20.39 1.44 7.60
CA GLN B 242 20.03 0.53 8.68
C GLN B 242 18.94 1.12 9.56
N GLU B 243 19.03 2.43 9.84
CA GLU B 243 18.06 3.07 10.73
C GLU B 243 16.71 3.29 10.03
N THR B 244 16.73 3.58 8.73
CA THR B 244 15.51 3.92 8.01
C THR B 244 14.98 2.70 7.27
N LYS B 245 13.70 2.41 7.45
CA LYS B 245 13.10 1.26 6.80
C LYS B 245 12.95 1.49 5.30
N THR B 246 12.89 0.37 4.56
CA THR B 246 12.81 0.43 3.10
C THR B 246 11.49 1.02 2.64
N GLY B 247 10.40 0.74 3.36
CA GLY B 247 9.09 1.20 2.93
C GLY B 247 8.97 2.70 2.88
N GLU B 248 9.63 3.40 3.82
CA GLU B 248 9.62 4.86 3.79
C GLU B 248 10.34 5.39 2.55
N LEU B 249 11.47 4.78 2.19
CA LEU B 249 12.17 5.19 0.98
C LEU B 249 11.35 4.90 -0.26
N ASN B 250 10.65 3.78 -0.28
CA ASN B 250 9.77 3.46 -1.41
C ASN B 250 8.62 4.44 -1.52
N SER B 251 8.05 4.85 -0.39
CA SER B 251 6.99 5.85 -0.40
C SER B 251 7.52 7.19 -0.89
N ARG B 252 8.74 7.54 -0.50
CA ARG B 252 9.34 8.78 -0.98
C ARG B 252 9.59 8.73 -2.49
N LEU B 253 10.07 7.60 -3.00
CA LEU B 253 10.47 7.49 -4.39
C LEU B 253 9.33 7.09 -5.32
N SER B 254 8.15 6.74 -4.79
CA SER B 254 7.06 6.26 -5.60
C SER B 254 5.90 7.24 -5.68
N SER B 255 5.34 7.64 -4.53
CA SER B 255 4.18 8.53 -4.50
C SER B 255 4.46 9.90 -3.93
N ASP B 256 5.37 10.00 -2.95
CA ASP B 256 5.68 11.30 -2.36
C ASP B 256 6.37 12.22 -3.36
N THR B 257 7.19 11.66 -4.25
CA THR B 257 7.82 12.47 -5.29
C THR B 257 6.84 12.86 -6.39
N THR B 258 5.73 12.14 -6.52
CA THR B 258 4.73 12.50 -7.52
C THR B 258 3.91 13.70 -7.06
N LEU B 259 3.63 13.80 -5.76
CA LEU B 259 2.78 14.86 -5.24
C LEU B 259 3.43 16.23 -5.37
N MET B 260 4.75 16.30 -5.28
CA MET B 260 5.41 17.60 -5.47
C MET B 260 5.41 18.03 -6.92
N SER B 261 5.23 17.11 -7.86
CA SER B 261 5.23 17.46 -9.27
C SER B 261 3.88 18.00 -9.74
N ASN B 262 2.87 17.95 -8.88
CA ASN B 262 1.55 18.51 -9.19
C ASN B 262 1.35 19.88 -8.58
N TRP B 263 2.39 20.50 -8.03
CA TRP B 263 2.22 21.80 -7.39
C TRP B 263 2.12 22.91 -8.42
N LEU B 264 3.17 23.12 -9.21
CA LEU B 264 3.15 24.18 -10.21
C LEU B 264 2.34 23.82 -11.45
N PRO B 265 2.56 22.67 -12.12
CA PRO B 265 1.84 22.43 -13.38
C PRO B 265 0.35 22.15 -13.19
N LEU B 266 -0.09 21.76 -12.00
CA LEU B 266 -1.50 21.44 -11.79
C LEU B 266 -2.18 22.42 -10.85
N ASN B 267 -1.70 22.57 -9.62
CA ASN B 267 -2.43 23.35 -8.63
C ASN B 267 -2.33 24.84 -8.91
N ALA B 268 -1.14 25.33 -9.23
CA ALA B 268 -0.97 26.74 -9.57
C ALA B 268 -1.73 27.08 -10.85
N ASN B 269 -1.76 26.14 -11.80
CA ASN B 269 -2.48 26.34 -13.06
C ASN B 269 -3.96 26.60 -12.81
N VAL B 270 -4.62 25.70 -12.08
CA VAL B 270 -6.05 25.84 -11.86
C VAL B 270 -6.36 27.00 -10.93
N LEU B 271 -5.47 27.27 -9.96
CA LEU B 271 -5.67 28.41 -9.08
C LEU B 271 -5.62 29.72 -9.85
N LEU B 272 -4.62 29.89 -10.71
CA LEU B 272 -4.52 31.11 -11.51
C LEU B 272 -5.68 31.24 -12.47
N ARG B 273 -6.06 30.14 -13.13
CA ARG B 273 -7.16 30.22 -14.08
C ARG B 273 -8.47 30.54 -13.39
N SER B 274 -8.68 30.01 -12.17
CA SER B 274 -9.90 30.30 -11.44
C SER B 274 -9.92 31.75 -10.97
N LEU B 275 -8.79 32.27 -10.51
CA LEU B 275 -8.73 33.65 -10.06
C LEU B 275 -9.02 34.61 -11.21
N VAL B 276 -8.36 34.41 -12.35
CA VAL B 276 -8.56 35.30 -13.49
C VAL B 276 -9.98 35.17 -14.03
N LYS B 277 -10.51 33.95 -14.06
CA LYS B 277 -11.88 33.74 -14.52
C LYS B 277 -12.88 34.44 -13.61
N VAL B 278 -12.67 34.37 -12.30
CA VAL B 278 -13.58 35.02 -11.36
C VAL B 278 -13.53 36.53 -11.53
N VAL B 279 -12.33 37.09 -11.69
CA VAL B 279 -12.21 38.54 -11.87
C VAL B 279 -12.89 38.98 -13.16
N GLY B 280 -12.66 38.26 -14.26
CA GLY B 280 -13.30 38.62 -15.52
C GLY B 280 -14.80 38.48 -15.49
N LEU B 281 -15.29 37.40 -14.86
CA LEU B 281 -16.73 37.19 -14.76
C LEU B 281 -17.38 38.29 -13.95
N TYR B 282 -16.77 38.70 -12.84
CA TYR B 282 -17.36 39.76 -12.03
C TYR B 282 -17.27 41.10 -12.75
N GLY B 283 -16.23 41.30 -13.56
CA GLY B 283 -16.19 42.49 -14.40
C GLY B 283 -17.33 42.54 -15.39
N PHE B 284 -17.64 41.39 -16.01
CA PHE B 284 -18.76 41.35 -16.95
C PHE B 284 -20.10 41.55 -16.26
N MET B 285 -20.27 40.95 -15.07
CA MET B 285 -21.50 41.14 -14.32
C MET B 285 -21.68 42.58 -13.87
N LEU B 286 -20.58 43.24 -13.52
CA LEU B 286 -20.65 44.66 -13.20
C LEU B 286 -20.98 45.49 -14.44
N SER B 287 -20.50 45.06 -15.60
CA SER B 287 -20.83 45.73 -16.85
C SER B 287 -22.32 45.60 -17.15
N ILE B 288 -22.90 44.43 -16.89
CA ILE B 288 -24.30 44.19 -17.21
C ILE B 288 -25.21 44.98 -16.29
N SER B 289 -25.12 44.74 -14.99
CA SER B 289 -25.97 45.43 -14.02
C SER B 289 -25.31 45.47 -12.65
N PRO B 290 -25.00 46.67 -12.13
CA PRO B 290 -24.36 46.74 -10.81
C PRO B 290 -25.29 46.33 -9.66
N ARG B 291 -26.57 46.68 -9.75
CA ARG B 291 -27.50 46.36 -8.67
C ARG B 291 -27.80 44.88 -8.58
N LEU B 292 -27.58 44.13 -9.66
CA LEU B 292 -27.64 42.68 -9.59
C LEU B 292 -26.32 42.07 -9.14
N THR B 293 -25.20 42.76 -9.37
CA THR B 293 -23.90 42.24 -8.95
C THR B 293 -23.67 42.43 -7.46
N LEU B 294 -24.22 43.50 -6.87
CA LEU B 294 -24.01 43.76 -5.45
C LEU B 294 -24.63 42.67 -4.59
N LEU B 295 -25.76 42.11 -5.03
CA LEU B 295 -26.39 41.02 -4.28
C LEU B 295 -25.50 39.79 -4.27
N SER B 296 -24.89 39.46 -5.40
CA SER B 296 -23.96 38.33 -5.44
C SER B 296 -22.73 38.59 -4.58
N LEU B 297 -22.25 39.84 -4.59
CA LEU B 297 -21.13 40.22 -3.71
C LEU B 297 -21.49 40.00 -2.24
N LEU B 298 -22.70 40.38 -1.86
CA LEU B 298 -23.12 40.18 -0.47
C LEU B 298 -23.30 38.69 -0.16
N HIS B 299 -23.76 37.91 -1.13
CA HIS B 299 -24.08 36.51 -0.87
C HIS B 299 -22.84 35.62 -0.79
N MET B 300 -21.78 35.94 -1.56
CA MET B 300 -20.62 35.06 -1.65
C MET B 300 -19.92 34.69 -0.33
N PRO B 301 -19.72 35.60 0.65
CA PRO B 301 -19.02 35.18 1.87
C PRO B 301 -19.68 34.04 2.63
N PHE B 302 -21.01 33.94 2.60
CA PHE B 302 -21.68 32.80 3.22
C PHE B 302 -21.26 31.49 2.57
N THR B 303 -21.21 31.48 1.23
CA THR B 303 -20.76 30.28 0.51
C THR B 303 -19.31 29.96 0.85
N ILE B 304 -18.46 30.98 0.94
CA ILE B 304 -17.05 30.75 1.27
C ILE B 304 -16.92 30.13 2.65
N ALA B 305 -17.64 30.69 3.63
CA ALA B 305 -17.55 30.18 5.00
C ALA B 305 -18.08 28.75 5.09
N ALA B 306 -19.20 28.47 4.43
CA ALA B 306 -19.76 27.12 4.46
C ALA B 306 -18.80 26.12 3.80
N GLU B 307 -18.18 26.50 2.69
CA GLU B 307 -17.23 25.62 2.03
C GLU B 307 -16.02 25.35 2.91
N LYS B 308 -15.51 26.38 3.59
CA LYS B 308 -14.35 26.19 4.47
C LYS B 308 -14.69 25.27 5.63
N VAL B 309 -15.86 25.46 6.25
CA VAL B 309 -16.26 24.63 7.38
C VAL B 309 -16.43 23.17 6.95
N TYR B 310 -17.09 22.96 5.80
CA TYR B 310 -17.29 21.61 5.31
C TYR B 310 -15.96 20.95 4.95
N ASN B 311 -15.04 21.70 4.36
CA ASN B 311 -13.74 21.13 4.00
C ASN B 311 -12.97 20.71 5.25
N THR B 312 -13.00 21.55 6.30
CA THR B 312 -12.32 21.20 7.54
C THR B 312 -12.90 19.93 8.16
N ARG B 313 -14.24 19.87 8.24
CA ARG B 313 -14.89 18.70 8.81
C ARG B 313 -14.61 17.45 7.99
N HIS B 314 -14.61 17.57 6.66
CA HIS B 314 -14.36 16.43 5.79
C HIS B 314 -12.93 15.92 5.96
N GLN B 315 -11.95 16.82 6.07
CA GLN B 315 -10.57 16.39 6.27
C GLN B 315 -10.41 15.68 7.61
N GLU B 316 -11.02 16.23 8.66
CA GLU B 316 -10.94 15.60 9.99
C GLU B 316 -11.56 14.21 9.98
N VAL B 317 -12.75 14.09 9.40
CA VAL B 317 -13.44 12.79 9.35
C VAL B 317 -12.65 11.81 8.49
N LEU B 318 -12.04 12.28 7.40
CA LEU B 318 -11.28 11.41 6.53
C LEU B 318 -10.05 10.84 7.24
N ARG B 319 -9.33 11.67 7.99
CA ARG B 319 -8.15 11.11 8.64
C ARG B 319 -8.55 10.21 9.80
N GLU B 320 -9.68 10.51 10.47
CA GLU B 320 -10.18 9.59 11.48
C GLU B 320 -10.58 8.25 10.87
N ILE B 321 -11.18 8.28 9.68
CA ILE B 321 -11.57 7.05 8.99
C ILE B 321 -10.35 6.24 8.60
N GLN B 322 -9.29 6.91 8.13
CA GLN B 322 -8.06 6.22 7.80
C GLN B 322 -7.44 5.55 9.02
N ASP B 323 -7.43 6.25 10.16
CA ASP B 323 -6.91 5.64 11.38
C ASP B 323 -7.76 4.44 11.81
N ALA B 324 -9.09 4.57 11.71
CA ALA B 324 -9.98 3.48 12.10
C ALA B 324 -9.80 2.26 11.20
N VAL B 325 -9.64 2.48 9.89
CA VAL B 325 -9.49 1.33 9.00
C VAL B 325 -8.11 0.69 9.17
N ALA B 326 -7.09 1.48 9.54
CA ALA B 326 -5.81 0.88 9.89
C ALA B 326 -5.93 0.01 11.14
N ARG B 327 -6.68 0.50 12.14
CA ARG B 327 -6.92 -0.29 13.34
C ARG B 327 -7.70 -1.56 13.02
N ALA B 328 -8.63 -1.48 12.09
CA ALA B 328 -9.39 -2.66 11.67
C ALA B 328 -8.49 -3.67 10.98
N GLY B 329 -7.61 -3.21 10.09
CA GLY B 329 -6.69 -4.11 9.43
C GLY B 329 -5.64 -4.71 10.34
N GLN B 330 -5.36 -4.04 11.47
CA GLN B 330 -4.47 -4.60 12.47
C GLN B 330 -5.00 -5.94 12.99
N VAL B 331 -6.33 -6.05 13.15
CA VAL B 331 -6.93 -7.27 13.68
C VAL B 331 -6.73 -8.44 12.72
N VAL B 332 -6.99 -8.22 11.43
CA VAL B 332 -6.81 -9.31 10.47
C VAL B 332 -5.35 -9.64 10.28
N ARG B 333 -4.45 -8.64 10.39
CA ARG B 333 -3.02 -8.93 10.34
C ARG B 333 -2.59 -9.80 11.51
N GLU B 334 -3.09 -9.49 12.71
CA GLU B 334 -2.77 -10.32 13.88
C GLU B 334 -3.35 -11.72 13.73
N ALA B 335 -4.56 -11.83 13.19
CA ALA B 335 -5.19 -13.14 13.03
C ALA B 335 -4.44 -14.00 12.02
N VAL B 336 -4.00 -13.41 10.90
CA VAL B 336 -3.30 -14.20 9.91
C VAL B 336 -1.87 -14.49 10.35
N GLY B 337 -1.29 -13.63 11.19
CA GLY B 337 0.03 -13.90 11.71
C GLY B 337 0.07 -15.08 12.67
N GLY B 338 -0.93 -15.18 13.53
CA GLY B 338 -0.99 -16.24 14.52
C GLY B 338 -2.08 -17.26 14.24
N LEU B 339 -2.21 -17.67 12.97
CA LEU B 339 -3.29 -18.56 12.57
C LEU B 339 -3.19 -19.91 13.27
N GLN B 340 -1.97 -20.42 13.46
CA GLN B 340 -1.79 -21.73 14.09
C GLN B 340 -2.28 -21.72 15.54
N THR B 341 -2.00 -20.63 16.26
CA THR B 341 -2.39 -20.55 17.67
C THR B 341 -3.91 -20.54 17.83
N VAL B 342 -4.59 -19.69 17.08
CA VAL B 342 -6.05 -19.60 17.19
C VAL B 342 -6.71 -20.88 16.67
N ARG B 343 -6.13 -21.48 15.64
CA ARG B 343 -6.66 -22.75 15.13
C ARG B 343 -6.50 -23.85 16.17
N SER B 344 -5.39 -23.85 16.90
CA SER B 344 -5.20 -24.84 17.96
C SER B 344 -6.18 -24.62 19.10
N PHE B 345 -6.38 -23.37 19.51
CA PHE B 345 -7.24 -23.08 20.65
C PHE B 345 -8.71 -22.95 20.29
N GLY B 346 -9.05 -22.90 19.00
CA GLY B 346 -10.43 -22.78 18.59
C GLY B 346 -11.09 -21.48 19.00
N ALA B 347 -10.38 -20.36 18.85
CA ALA B 347 -10.88 -19.05 19.21
C ALA B 347 -11.27 -18.25 17.97
N GLU B 348 -11.82 -18.95 16.96
CA GLU B 348 -12.19 -18.29 15.71
C GLU B 348 -13.33 -17.29 15.91
N GLU B 349 -14.32 -17.66 16.71
CA GLU B 349 -15.45 -16.77 16.95
C GLU B 349 -15.03 -15.51 17.71
N HIS B 350 -14.04 -15.63 18.60
CA HIS B 350 -13.53 -14.45 19.30
C HIS B 350 -12.87 -13.48 18.33
N GLU B 351 -12.07 -14.00 17.39
CA GLU B 351 -11.45 -13.15 16.40
C GLU B 351 -12.47 -12.51 15.48
N VAL B 352 -13.48 -13.27 15.06
CA VAL B 352 -14.50 -12.68 14.18
C VAL B 352 -15.35 -11.66 14.93
N CYS B 353 -15.51 -11.83 16.24
CA CYS B 353 -16.23 -10.82 17.03
C CYS B 353 -15.43 -9.55 17.16
N ARG B 354 -14.11 -9.68 17.36
CA ARG B 354 -13.25 -8.49 17.38
C ARG B 354 -13.29 -7.76 16.04
N TYR B 355 -13.26 -8.51 14.94
CA TYR B 355 -13.34 -7.89 13.62
C TYR B 355 -14.70 -7.23 13.41
N LYS B 356 -15.78 -7.84 13.92
CA LYS B 356 -17.09 -7.23 13.80
C LYS B 356 -17.17 -5.92 14.57
N GLU B 357 -16.56 -5.88 15.76
CA GLU B 357 -16.52 -4.63 16.53
C GLU B 357 -15.74 -3.55 15.78
N ALA B 358 -14.59 -3.92 15.19
CA ALA B 358 -13.82 -2.95 14.41
C ALA B 358 -14.61 -2.46 13.20
N LEU B 359 -15.32 -3.36 12.53
CA LEU B 359 -16.13 -2.99 11.38
C LEU B 359 -17.26 -2.06 11.76
N GLU B 360 -17.90 -2.30 12.91
CA GLU B 360 -18.94 -1.39 13.39
C GLU B 360 -18.38 -0.02 13.71
N GLN B 361 -17.19 0.02 14.32
CA GLN B 361 -16.55 1.29 14.62
C GLN B 361 -16.24 2.07 13.34
N CYS B 362 -15.81 1.37 12.29
CA CYS B 362 -15.57 2.05 11.01
C CYS B 362 -16.88 2.48 10.36
N ARG B 363 -17.92 1.67 10.48
CA ARG B 363 -19.20 1.97 9.84
C ARG B 363 -19.85 3.21 10.43
N GLN B 364 -19.70 3.41 11.75
CA GLN B 364 -20.24 4.62 12.37
C GLN B 364 -19.60 5.87 11.78
N LEU B 365 -18.28 5.85 11.59
CA LEU B 365 -17.59 6.99 10.97
C LEU B 365 -18.02 7.19 9.53
N TYR B 366 -18.20 6.09 8.78
CA TYR B 366 -18.66 6.20 7.40
C TYR B 366 -20.05 6.85 7.33
N TRP B 367 -20.94 6.42 8.22
CA TRP B 367 -22.29 6.97 8.26
C TRP B 367 -22.28 8.45 8.64
N ARG B 368 -21.42 8.83 9.59
CA ARG B 368 -21.31 10.24 9.96
C ARG B 368 -20.80 11.08 8.80
N ARG B 369 -19.81 10.57 8.07
CA ARG B 369 -19.31 11.29 6.90
C ARG B 369 -20.39 11.47 5.84
N ASP B 370 -21.14 10.41 5.57
CA ASP B 370 -22.20 10.49 4.55
C ASP B 370 -23.29 11.46 4.96
N LEU B 371 -23.68 11.45 6.25
CA LEU B 371 -24.70 12.39 6.71
C LEU B 371 -24.22 13.83 6.62
N GLU B 372 -22.96 14.09 7.00
CA GLU B 372 -22.42 15.44 6.91
C GLU B 372 -22.38 15.93 5.47
N ARG B 373 -21.95 15.06 4.54
CA ARG B 373 -21.90 15.47 3.14
C ARG B 373 -23.30 15.74 2.59
N ALA B 374 -24.28 14.91 2.95
CA ALA B 374 -25.65 15.13 2.49
C ALA B 374 -26.21 16.43 3.05
N LEU B 375 -25.94 16.73 4.32
CA LEU B 375 -26.42 17.98 4.91
C LEU B 375 -25.78 19.18 4.23
N TYR B 376 -24.49 19.10 3.91
CA TYR B 376 -23.83 20.19 3.20
C TYR B 376 -24.43 20.39 1.82
N LEU B 377 -24.72 19.30 1.12
CA LEU B 377 -25.36 19.43 -0.20
C LEU B 377 -26.74 20.07 -0.09
N LEU B 378 -27.51 19.69 0.93
CA LEU B 378 -28.83 20.29 1.12
C LEU B 378 -28.72 21.79 1.38
N VAL B 379 -27.75 22.19 2.23
CA VAL B 379 -27.56 23.61 2.53
C VAL B 379 -27.15 24.36 1.26
N ARG B 380 -26.25 23.78 0.47
CA ARG B 380 -25.83 24.43 -0.77
C ARG B 380 -26.99 24.58 -1.74
N ARG B 381 -27.84 23.56 -1.85
CA ARG B 381 -28.99 23.64 -2.75
C ARG B 381 -29.97 24.72 -2.30
N VAL B 382 -30.21 24.82 -0.99
CA VAL B 382 -31.12 25.84 -0.48
C VAL B 382 -30.56 27.23 -0.74
N LEU B 383 -29.26 27.42 -0.53
CA LEU B 383 -28.64 28.71 -0.80
C LEU B 383 -28.70 29.06 -2.28
N HIS B 384 -28.50 28.07 -3.16
CA HIS B 384 -28.63 28.31 -4.58
C HIS B 384 -30.05 28.71 -4.96
N LEU B 385 -31.04 28.07 -4.34
CA LEU B 385 -32.43 28.48 -4.54
C LEU B 385 -32.63 29.94 -4.15
N GLY B 386 -32.12 30.32 -2.97
CA GLY B 386 -32.33 31.68 -2.51
C GLY B 386 -31.69 32.71 -3.40
N VAL B 387 -30.45 32.47 -3.81
CA VAL B 387 -29.76 33.45 -4.66
C VAL B 387 -30.39 33.50 -6.05
N GLN B 388 -30.85 32.36 -6.58
CA GLN B 388 -31.52 32.37 -7.87
C GLN B 388 -32.83 33.13 -7.82
N MET B 389 -33.62 32.94 -6.76
CA MET B 389 -34.87 33.66 -6.64
C MET B 389 -34.65 35.15 -6.49
N LEU B 390 -33.65 35.55 -5.69
CA LEU B 390 -33.36 36.96 -5.52
C LEU B 390 -32.91 37.61 -6.83
N MET B 391 -32.01 36.92 -7.56
CA MET B 391 -31.57 37.44 -8.85
C MET B 391 -32.72 37.57 -9.83
N LEU B 392 -33.59 36.55 -9.88
CA LEU B 392 -34.72 36.60 -10.81
C LEU B 392 -35.68 37.73 -10.48
N SER B 393 -35.98 37.92 -9.18
CA SER B 393 -36.92 38.96 -8.79
C SER B 393 -36.36 40.35 -9.10
N CYS B 394 -35.10 40.60 -8.72
CA CYS B 394 -34.52 41.91 -9.00
C CYS B 394 -34.34 42.15 -10.48
N GLY B 395 -33.99 41.11 -11.24
CA GLY B 395 -33.83 41.25 -12.67
C GLY B 395 -35.14 41.56 -13.38
N LEU B 396 -36.23 40.92 -12.97
CA LEU B 396 -37.51 41.24 -13.59
C LEU B 396 -38.02 42.61 -13.17
N GLN B 397 -37.74 43.01 -11.92
CA GLN B 397 -38.11 44.36 -11.49
C GLN B 397 -37.37 45.41 -12.30
N GLN B 398 -36.09 45.17 -12.62
CA GLN B 398 -35.36 46.10 -13.47
C GLN B 398 -35.78 45.97 -14.93
N MET B 399 -36.25 44.78 -15.33
CA MET B 399 -36.79 44.58 -16.67
C MET B 399 -38.02 45.43 -16.91
N GLN B 400 -38.91 45.50 -15.92
CA GLN B 400 -40.14 46.27 -16.08
C GLN B 400 -39.87 47.76 -16.28
N ASP B 401 -38.70 48.25 -15.89
CA ASP B 401 -38.30 49.62 -16.16
C ASP B 401 -37.53 49.77 -17.46
N GLY B 402 -37.33 48.68 -18.20
CA GLY B 402 -36.64 48.75 -19.47
C GLY B 402 -35.14 48.90 -19.38
N GLU B 403 -34.53 48.51 -18.25
CA GLU B 403 -33.10 48.64 -18.05
C GLU B 403 -32.33 47.35 -18.34
N LEU B 404 -33.00 46.34 -18.90
CA LEU B 404 -32.33 45.08 -19.17
C LEU B 404 -33.01 44.41 -20.36
N THR B 405 -32.28 43.49 -20.98
CA THR B 405 -32.81 42.65 -22.05
C THR B 405 -32.75 41.19 -21.60
N GLN B 406 -33.49 40.34 -22.33
CA GLN B 406 -33.58 38.93 -21.96
C GLN B 406 -32.23 38.24 -22.05
N GLY B 407 -31.45 38.56 -23.09
CA GLY B 407 -30.12 37.98 -23.21
C GLY B 407 -29.20 38.42 -22.10
N SER B 408 -29.33 39.67 -21.66
CA SER B 408 -28.55 40.15 -20.52
C SER B 408 -28.86 39.33 -19.27
N LEU B 409 -30.14 39.08 -19.02
CA LEU B 409 -30.53 38.27 -17.87
C LEU B 409 -29.99 36.86 -17.98
N LEU B 410 -30.10 36.26 -19.17
CA LEU B 410 -29.61 34.90 -19.36
C LEU B 410 -28.11 34.80 -19.13
N SER B 411 -27.34 35.75 -19.69
CA SER B 411 -25.90 35.77 -19.47
C SER B 411 -25.57 35.98 -18.00
N PHE B 412 -26.40 36.76 -17.30
CA PHE B 412 -26.19 36.92 -15.86
C PHE B 412 -26.39 35.61 -15.11
N MET B 413 -27.41 34.83 -15.48
CA MET B 413 -27.59 33.53 -14.83
C MET B 413 -26.40 32.60 -15.09
N ILE B 414 -25.90 32.58 -16.33
CA ILE B 414 -24.75 31.72 -16.62
C ILE B 414 -23.53 32.19 -15.83
N TYR B 415 -23.32 33.50 -15.73
CA TYR B 415 -22.16 34.02 -15.00
C TYR B 415 -22.25 33.68 -13.52
N GLN B 416 -23.43 33.84 -12.92
CA GLN B 416 -23.60 33.50 -11.52
C GLN B 416 -23.38 32.01 -11.27
N GLU B 417 -23.91 31.16 -12.17
CA GLU B 417 -23.72 29.72 -12.04
C GLU B 417 -22.25 29.33 -12.15
N SER B 418 -21.49 30.04 -12.99
CA SER B 418 -20.07 29.73 -13.12
C SER B 418 -19.30 30.18 -11.88
N VAL B 419 -19.60 31.38 -11.36
CA VAL B 419 -18.88 31.91 -10.21
C VAL B 419 -19.11 31.03 -8.97
N GLY B 420 -20.35 30.57 -8.79
CA GLY B 420 -20.68 29.72 -7.65
C GLY B 420 -19.89 28.42 -7.59
N SER B 421 -19.40 27.94 -8.73
CA SER B 421 -18.54 26.77 -8.75
C SER B 421 -17.06 27.15 -8.68
N TYR B 422 -16.68 28.27 -9.31
CA TYR B 422 -15.28 28.65 -9.34
C TYR B 422 -14.75 29.02 -7.95
N VAL B 423 -15.60 29.61 -7.10
CA VAL B 423 -15.15 29.94 -5.75
C VAL B 423 -14.80 28.67 -4.96
N GLN B 424 -15.68 27.68 -5.01
CA GLN B 424 -15.43 26.41 -4.33
C GLN B 424 -14.21 25.71 -4.91
N THR B 425 -14.02 25.81 -6.23
CA THR B 425 -12.83 25.26 -6.86
C THR B 425 -11.57 25.92 -6.32
N LEU B 426 -11.59 27.24 -6.15
CA LEU B 426 -10.44 27.96 -5.59
C LEU B 426 -10.12 27.47 -4.17
N VAL B 427 -11.15 27.33 -3.33
CA VAL B 427 -10.93 26.89 -1.95
C VAL B 427 -10.34 25.48 -1.92
N TYR B 428 -10.92 24.57 -2.71
CA TYR B 428 -10.43 23.20 -2.77
C TYR B 428 -8.98 23.17 -3.27
N ILE B 429 -8.66 24.00 -4.25
CA ILE B 429 -7.32 23.97 -4.84
C ILE B 429 -6.28 24.49 -3.85
N TYR B 430 -6.63 25.52 -3.07
CA TYR B 430 -5.70 25.96 -2.02
C TYR B 430 -5.50 24.88 -0.97
N GLY B 431 -6.59 24.20 -0.58
CA GLY B 431 -6.47 23.11 0.37
C GLY B 431 -5.58 21.98 -0.12
N ASP B 432 -5.64 21.69 -1.42
CA ASP B 432 -4.76 20.67 -2.00
C ASP B 432 -3.32 21.14 -2.14
N MET B 433 -3.14 22.43 -2.43
CA MET B 433 -1.79 22.99 -2.55
C MET B 433 -1.04 22.89 -1.24
N LEU B 434 -1.74 23.05 -0.12
CA LEU B 434 -1.08 22.90 1.18
C LEU B 434 -0.52 21.49 1.36
N SER B 435 -1.29 20.46 1.01
CA SER B 435 -0.81 19.09 1.11
C SER B 435 0.33 18.81 0.15
N ASN B 436 0.27 19.40 -1.05
CA ASN B 436 1.37 19.25 -2.00
C ASN B 436 2.67 19.83 -1.45
N VAL B 437 2.57 21.01 -0.82
CA VAL B 437 3.76 21.62 -0.22
C VAL B 437 4.28 20.77 0.92
N GLY B 438 3.39 20.17 1.71
CA GLY B 438 3.83 19.27 2.77
C GLY B 438 4.58 18.05 2.24
N ALA B 439 4.07 17.45 1.18
CA ALA B 439 4.76 16.31 0.57
C ALA B 439 6.12 16.73 0.00
N ALA B 440 6.19 17.93 -0.58
CA ALA B 440 7.45 18.45 -1.06
C ALA B 440 8.44 18.65 0.08
N GLU B 441 7.95 19.11 1.23
CA GLU B 441 8.79 19.24 2.41
C GLU B 441 9.35 17.89 2.84
N LYS B 442 8.51 16.85 2.83
CA LYS B 442 8.97 15.52 3.19
C LYS B 442 10.08 15.04 2.26
N VAL B 443 9.88 15.20 0.95
CA VAL B 443 10.86 14.73 -0.02
C VAL B 443 12.17 15.51 0.11
N PHE B 444 12.09 16.84 0.27
CA PHE B 444 13.29 17.64 0.42
C PHE B 444 14.03 17.34 1.72
N SER B 445 13.30 17.05 2.79
CA SER B 445 13.94 16.66 4.04
C SER B 445 14.67 15.34 3.89
N TYR B 446 14.09 14.43 3.13
CA TYR B 446 14.73 13.14 2.89
C TYR B 446 15.97 13.30 2.05
N MET B 447 15.93 14.21 1.09
CA MET B 447 17.06 14.40 0.18
C MET B 447 18.21 15.15 0.84
N ASP B 448 17.90 16.19 1.61
CA ASP B 448 18.92 17.13 2.08
C ASP B 448 19.71 16.64 3.27
N ARG B 449 19.66 15.36 3.61
CA ARG B 449 20.45 14.85 4.73
C ARG B 449 21.93 14.82 4.35
N GLN B 450 22.77 15.32 5.24
CA GLN B 450 24.21 15.36 4.99
C GLN B 450 24.85 14.08 5.51
N PRO B 451 25.55 13.32 4.67
CA PRO B 451 26.19 12.09 5.16
C PRO B 451 27.36 12.40 6.09
N ASN B 452 27.63 11.45 6.98
CA ASN B 452 28.71 11.56 7.95
C ASN B 452 29.97 10.83 7.49
N LEU B 453 30.13 10.61 6.19
CA LEU B 453 31.32 9.96 5.67
C LEU B 453 32.53 10.87 5.82
N PRO B 454 33.73 10.29 5.94
CA PRO B 454 34.94 11.12 6.01
C PRO B 454 35.28 11.79 4.68
N SER B 455 36.40 12.50 4.64
CA SER B 455 36.82 13.15 3.42
C SER B 455 37.14 12.13 2.34
N PRO B 456 36.76 12.37 1.09
CA PRO B 456 37.07 11.43 0.02
C PRO B 456 38.57 11.29 -0.19
N GLY B 457 39.02 10.08 -0.49
CA GLY B 457 40.45 9.84 -0.61
C GLY B 457 41.04 9.92 -2.00
N THR B 458 42.10 10.71 -2.14
CA THR B 458 42.71 10.91 -3.45
C THR B 458 43.83 9.95 -3.83
N LEU B 459 44.18 9.02 -2.95
CA LEU B 459 45.31 8.13 -3.22
C LEU B 459 44.95 6.86 -3.96
N ALA B 460 45.89 6.31 -4.72
CA ALA B 460 45.68 5.08 -5.48
C ALA B 460 47.00 4.67 -6.09
N PRO B 461 47.75 3.79 -5.40
CA PRO B 461 49.09 3.45 -5.87
C PRO B 461 49.05 2.47 -7.03
N THR B 462 50.07 2.44 -7.88
CA THR B 462 50.07 1.43 -8.93
C THR B 462 50.21 0.02 -8.35
N THR B 463 51.04 -0.13 -7.34
CA THR B 463 51.30 -1.42 -6.72
C THR B 463 50.97 -1.36 -5.23
N LEU B 464 50.32 -2.41 -4.73
CA LEU B 464 49.96 -2.52 -3.33
C LEU B 464 50.58 -3.78 -2.75
N GLN B 465 51.28 -3.62 -1.62
CA GLN B 465 51.89 -4.77 -0.97
C GLN B 465 50.85 -5.68 -0.35
N GLY B 466 49.82 -5.11 0.25
CA GLY B 466 48.77 -5.88 0.90
C GLY B 466 48.88 -5.99 2.40
N VAL B 467 49.82 -5.29 3.03
CA VAL B 467 49.97 -5.35 4.48
C VAL B 467 48.92 -4.48 5.13
N VAL B 468 48.16 -5.07 6.06
CA VAL B 468 47.09 -4.38 6.77
C VAL B 468 47.43 -4.38 8.26
N LYS B 469 47.24 -3.24 8.90
CA LYS B 469 47.50 -3.17 10.31
C LYS B 469 46.35 -2.56 11.05
N PHE B 470 45.99 -3.13 12.18
CA PHE B 470 44.97 -2.51 13.01
C PHE B 470 45.72 -2.08 14.24
N GLN B 471 45.59 -0.81 14.62
CA GLN B 471 46.25 -0.31 15.80
C GLN B 471 45.16 -0.05 16.79
N ASP B 472 45.00 -0.94 17.77
CA ASP B 472 43.87 -0.79 18.68
C ASP B 472 42.62 -0.22 18.05
N VAL B 473 42.21 -0.71 16.88
CA VAL B 473 40.96 -0.22 16.39
C VAL B 473 39.91 -0.58 17.40
N SER B 474 38.98 0.34 17.64
CA SER B 474 37.90 0.10 18.58
C SER B 474 36.68 0.66 17.91
N PHE B 475 35.63 -0.13 17.84
CA PHE B 475 34.48 0.35 17.09
C PHE B 475 33.21 0.19 17.90
N ALA B 476 32.35 1.21 17.83
CA ALA B 476 31.01 1.17 18.40
C ALA B 476 30.00 1.47 17.29
N TYR B 477 28.91 0.72 17.28
CA TYR B 477 27.90 0.88 16.23
C TYR B 477 27.22 2.24 16.36
N PRO B 478 27.13 3.02 15.28
CA PRO B 478 26.39 4.29 15.35
C PRO B 478 24.91 4.13 15.63
N ASN B 479 24.34 2.95 15.38
CA ASN B 479 22.94 2.70 15.73
C ASN B 479 22.75 2.74 17.24
N ARG B 480 23.69 2.17 17.99
CA ARG B 480 23.66 2.19 19.45
C ARG B 480 24.99 2.73 19.94
N PRO B 481 25.15 4.05 19.98
CA PRO B 481 26.42 4.64 20.41
C PRO B 481 26.67 4.40 21.89
N ASP B 482 27.94 4.51 22.27
CA ASP B 482 28.45 4.23 23.61
C ASP B 482 28.17 2.80 24.05
N ARG B 483 28.02 1.89 23.10
CA ARG B 483 27.86 0.46 23.35
C ARG B 483 28.84 -0.27 22.45
N PRO B 484 30.12 -0.29 22.82
CA PRO B 484 31.16 -0.76 21.90
C PRO B 484 31.05 -2.24 21.59
N VAL B 485 31.43 -2.60 20.36
CA VAL B 485 31.50 -3.97 19.94
C VAL B 485 32.94 -4.46 19.78
N LEU B 486 33.87 -3.58 19.44
CA LEU B 486 35.28 -3.90 19.32
C LEU B 486 36.07 -3.02 20.28
N LYS B 487 37.09 -3.60 20.91
CA LYS B 487 37.88 -2.88 21.91
C LYS B 487 39.33 -3.33 21.81
N GLY B 488 40.21 -2.42 21.39
CA GLY B 488 41.64 -2.66 21.43
C GLY B 488 42.14 -3.78 20.56
N LEU B 489 41.51 -4.00 19.42
CA LEU B 489 41.99 -5.04 18.50
C LEU B 489 43.28 -4.60 17.82
N THR B 490 44.22 -5.53 17.72
CA THR B 490 45.52 -5.25 17.11
C THR B 490 46.08 -6.52 16.50
N PHE B 491 46.34 -6.50 15.19
CA PHE B 491 47.03 -7.59 14.52
C PHE B 491 47.62 -7.05 13.23
N THR B 492 48.34 -7.91 12.51
CA THR B 492 48.96 -7.57 11.23
C THR B 492 48.69 -8.68 10.23
N LEU B 493 48.55 -8.30 8.97
CA LEU B 493 48.27 -9.23 7.89
C LEU B 493 49.43 -9.22 6.90
N ARG B 494 49.80 -10.40 6.41
CA ARG B 494 50.90 -10.52 5.49
C ARG B 494 50.41 -10.97 4.11
N PRO B 495 51.08 -10.56 3.03
CA PRO B 495 50.64 -10.97 1.69
C PRO B 495 50.71 -12.47 1.46
N GLY B 496 51.68 -13.16 2.03
CA GLY B 496 51.85 -14.58 1.82
C GLY B 496 51.33 -15.47 2.92
N GLU B 497 50.83 -14.92 4.01
CA GLU B 497 50.36 -15.70 5.16
C GLU B 497 48.84 -15.66 5.21
N VAL B 498 48.23 -16.84 5.32
CA VAL B 498 46.78 -16.94 5.43
C VAL B 498 46.37 -16.72 6.88
N THR B 499 45.47 -15.78 7.10
CA THR B 499 44.98 -15.43 8.42
C THR B 499 43.52 -15.85 8.54
N ALA B 500 43.20 -16.62 9.57
CA ALA B 500 41.86 -17.08 9.84
C ALA B 500 41.37 -16.51 11.17
N LEU B 501 40.06 -16.34 11.27
CA LEU B 501 39.41 -15.86 12.48
C LEU B 501 38.43 -16.92 12.97
N VAL B 502 38.47 -17.19 14.28
CA VAL B 502 37.63 -18.24 14.87
C VAL B 502 36.91 -17.69 16.09
N GLY B 503 35.84 -18.38 16.47
CA GLY B 503 35.02 -17.99 17.58
C GLY B 503 33.62 -17.61 17.15
N PRO B 504 32.62 -17.89 18.00
CA PRO B 504 31.25 -17.49 17.66
C PRO B 504 31.05 -15.98 17.64
N ASN B 505 31.46 -15.31 18.73
CA ASN B 505 31.47 -13.86 18.88
C ASN B 505 30.09 -13.23 18.76
N GLY B 506 29.02 -14.03 18.74
CA GLY B 506 27.69 -13.49 18.54
C GLY B 506 27.52 -12.77 17.23
N SER B 507 28.06 -13.35 16.15
CA SER B 507 28.08 -12.75 14.81
C SER B 507 28.77 -11.39 14.80
N GLY B 508 29.72 -11.19 15.72
CA GLY B 508 30.50 -9.98 15.78
C GLY B 508 31.72 -9.96 14.90
N LYS B 509 32.01 -11.06 14.21
CA LYS B 509 33.15 -11.12 13.31
C LYS B 509 32.93 -10.32 12.03
N SER B 510 31.68 -10.05 11.68
CA SER B 510 31.40 -9.29 10.46
C SER B 510 31.77 -7.82 10.62
N THR B 511 31.93 -7.33 11.85
CA THR B 511 32.25 -5.92 12.04
C THR B 511 33.65 -5.58 11.53
N VAL B 512 34.64 -6.44 11.81
CA VAL B 512 35.99 -6.17 11.33
C VAL B 512 36.06 -6.33 9.81
N ALA B 513 35.26 -7.24 9.24
CA ALA B 513 35.19 -7.35 7.79
C ALA B 513 34.57 -6.11 7.16
N ALA B 514 33.54 -5.55 7.80
CA ALA B 514 32.89 -4.35 7.29
C ALA B 514 33.83 -3.15 7.37
N LEU B 515 34.52 -3.00 8.49
CA LEU B 515 35.42 -1.85 8.67
C LEU B 515 36.72 -2.03 7.91
N LEU B 516 37.01 -3.24 7.48
CA LEU B 516 38.20 -3.46 6.66
C LEU B 516 38.00 -2.98 5.23
N GLN B 517 36.76 -2.74 4.82
CA GLN B 517 36.45 -2.22 3.49
C GLN B 517 36.02 -0.77 3.54
N ASN B 518 36.34 -0.07 4.64
CA ASN B 518 36.00 1.34 4.85
C ASN B 518 34.50 1.59 4.80
N LEU B 519 33.70 0.58 5.17
CA LEU B 519 32.26 0.79 5.24
C LEU B 519 31.89 1.60 6.47
N TYR B 520 32.51 1.31 7.61
CA TYR B 520 32.29 2.04 8.85
C TYR B 520 33.63 2.59 9.33
N GLN B 521 33.67 3.88 9.59
CA GLN B 521 34.90 4.44 10.14
C GLN B 521 35.04 4.06 11.61
N PRO B 522 36.25 3.76 12.07
CA PRO B 522 36.43 3.34 13.46
C PRO B 522 36.38 4.53 14.42
N THR B 523 35.77 4.28 15.59
CA THR B 523 35.73 5.32 16.61
C THR B 523 37.09 5.51 17.27
N GLY B 524 37.77 4.41 17.61
CA GLY B 524 39.09 4.48 18.19
C GLY B 524 40.07 3.62 17.41
N GLY B 525 41.34 3.98 17.51
CA GLY B 525 42.36 3.29 16.74
C GLY B 525 42.28 3.66 15.28
N GLN B 526 43.02 2.90 14.46
CA GLN B 526 43.00 3.14 13.03
C GLN B 526 43.42 1.89 12.27
N VAL B 527 42.69 1.59 11.20
CA VAL B 527 43.04 0.51 10.28
C VAL B 527 43.74 1.12 9.08
N LEU B 528 44.87 0.54 8.68
CA LEU B 528 45.69 1.13 7.63
C LEU B 528 46.22 0.06 6.70
N LEU B 529 46.38 0.43 5.43
CA LEU B 529 46.98 -0.42 4.41
C LEU B 529 48.25 0.23 3.91
N ASP B 530 49.37 -0.51 4.00
CA ASP B 530 50.67 -0.07 3.48
C ASP B 530 51.08 1.29 4.07
N GLU B 531 50.96 1.40 5.39
CA GLU B 531 51.31 2.60 6.15
C GLU B 531 50.53 3.83 5.70
N LYS B 532 49.30 3.61 5.22
CA LYS B 532 48.41 4.69 4.82
C LYS B 532 47.02 4.35 5.37
N PRO B 533 46.34 5.30 6.00
CA PRO B 533 44.99 5.03 6.50
C PRO B 533 44.01 4.75 5.37
N ILE B 534 42.99 3.96 5.67
CA ILE B 534 42.03 3.54 4.66
C ILE B 534 41.14 4.68 4.18
N SER B 535 41.07 5.79 4.92
CA SER B 535 40.21 6.89 4.52
C SER B 535 40.81 7.72 3.39
N GLN B 536 42.10 7.58 3.12
CA GLN B 536 42.78 8.40 2.12
C GLN B 536 42.83 7.74 0.75
N TYR B 537 42.29 6.53 0.60
CA TYR B 537 42.33 5.84 -0.67
C TYR B 537 41.10 6.17 -1.51
N GLU B 538 41.28 6.14 -2.83
CA GLU B 538 40.17 6.37 -3.74
C GLU B 538 39.16 5.24 -3.63
N HIS B 539 37.88 5.60 -3.75
CA HIS B 539 36.79 4.67 -3.50
C HIS B 539 36.84 3.46 -4.44
N CYS B 540 36.91 3.73 -5.75
CA CYS B 540 36.93 2.66 -6.72
C CYS B 540 38.19 1.81 -6.60
N TYR B 541 39.35 2.45 -6.41
CA TYR B 541 40.60 1.71 -6.31
C TYR B 541 40.64 0.86 -5.04
N LEU B 542 40.21 1.42 -3.92
CA LEU B 542 40.21 0.67 -2.67
C LEU B 542 39.25 -0.51 -2.73
N HIS B 543 38.05 -0.30 -3.28
CA HIS B 543 37.12 -1.41 -3.36
C HIS B 543 37.37 -2.33 -4.54
N SER B 544 38.33 -2.00 -5.40
CA SER B 544 38.80 -2.94 -6.40
C SER B 544 40.03 -3.73 -5.95
N GLN B 545 40.77 -3.23 -4.96
CA GLN B 545 41.91 -3.98 -4.44
C GLN B 545 41.57 -4.83 -3.23
N VAL B 546 40.53 -4.48 -2.48
CA VAL B 546 40.11 -5.21 -1.29
C VAL B 546 38.67 -5.63 -1.49
N VAL B 547 38.43 -6.94 -1.61
CA VAL B 547 37.09 -7.44 -1.85
C VAL B 547 36.75 -8.49 -0.79
N SER B 548 35.44 -8.72 -0.63
CA SER B 548 34.95 -9.61 0.41
C SER B 548 33.65 -10.26 -0.03
N VAL B 549 33.41 -11.47 0.46
CA VAL B 549 32.15 -12.17 0.28
C VAL B 549 31.59 -12.52 1.66
N GLY B 550 30.28 -12.35 1.81
CA GLY B 550 29.60 -12.68 3.04
C GLY B 550 29.04 -14.09 3.03
N GLN B 551 28.44 -14.48 4.15
CA GLN B 551 27.81 -15.78 4.24
C GLN B 551 26.60 -15.88 3.31
N GLU B 552 25.81 -14.80 3.22
CA GLU B 552 24.67 -14.78 2.32
C GLU B 552 25.01 -13.93 1.11
N PRO B 553 25.21 -14.53 -0.06
CA PRO B 553 25.43 -13.71 -1.27
C PRO B 553 24.20 -12.91 -1.63
N VAL B 554 24.43 -11.73 -2.19
CA VAL B 554 23.36 -10.85 -2.64
C VAL B 554 23.40 -10.81 -4.16
N LEU B 555 22.27 -11.09 -4.79
CA LEU B 555 22.17 -11.20 -6.23
C LEU B 555 21.20 -10.16 -6.76
N PHE B 556 21.45 -9.70 -7.98
CA PHE B 556 20.65 -8.69 -8.64
C PHE B 556 19.84 -9.32 -9.76
N SER B 557 19.10 -8.48 -10.49
CA SER B 557 18.17 -8.94 -11.51
C SER B 557 18.78 -8.99 -12.90
N GLY B 558 20.07 -8.70 -13.04
CA GLY B 558 20.71 -8.70 -14.33
C GLY B 558 21.11 -10.10 -14.79
N SER B 559 21.93 -10.14 -15.83
CA SER B 559 22.42 -11.39 -16.37
C SER B 559 23.55 -11.93 -15.51
N VAL B 560 23.94 -13.18 -15.81
CA VAL B 560 25.09 -13.79 -15.13
C VAL B 560 26.36 -13.03 -15.48
N ARG B 561 26.52 -12.63 -16.74
CA ARG B 561 27.66 -11.82 -17.13
C ARG B 561 27.63 -10.47 -16.42
N ASN B 562 26.43 -9.90 -16.24
CA ASN B 562 26.32 -8.63 -15.53
C ASN B 562 26.71 -8.78 -14.06
N ASN B 563 26.29 -9.88 -13.43
CA ASN B 563 26.59 -10.06 -12.02
C ASN B 563 28.05 -10.43 -11.78
N ILE B 564 28.67 -11.15 -12.72
CA ILE B 564 30.09 -11.46 -12.58
C ILE B 564 30.93 -10.21 -12.74
N ALA B 565 30.62 -9.39 -13.74
CA ALA B 565 31.33 -8.14 -13.99
C ALA B 565 30.70 -6.95 -13.29
N TYR B 566 30.05 -7.19 -12.15
CA TYR B 566 29.41 -6.11 -11.41
C TYR B 566 30.43 -5.10 -10.93
N GLY B 567 30.14 -3.82 -11.13
CA GLY B 567 31.03 -2.76 -10.71
C GLY B 567 32.21 -2.51 -11.61
N LEU B 568 32.33 -3.22 -12.73
CA LEU B 568 33.46 -3.07 -13.64
C LEU B 568 33.05 -2.22 -14.83
N GLN B 569 33.88 -1.25 -15.17
CA GLN B 569 33.60 -0.37 -16.30
C GLN B 569 33.62 -1.14 -17.62
N SER B 570 34.59 -2.04 -17.79
CA SER B 570 34.69 -2.83 -19.01
C SER B 570 35.33 -4.17 -18.67
N CYS B 571 34.63 -5.26 -18.97
CA CYS B 571 35.12 -6.60 -18.70
C CYS B 571 34.73 -7.51 -19.85
N GLU B 572 35.72 -8.13 -20.48
CA GLU B 572 35.46 -9.05 -21.58
C GLU B 572 34.87 -10.35 -21.07
N ASP B 573 34.27 -11.11 -21.99
CA ASP B 573 33.70 -12.40 -21.63
C ASP B 573 34.77 -13.42 -21.25
N ASP B 574 36.01 -13.22 -21.70
CA ASP B 574 37.09 -14.14 -21.33
C ASP B 574 37.35 -14.10 -19.83
N LYS B 575 37.29 -12.90 -19.23
CA LYS B 575 37.45 -12.78 -17.79
C LYS B 575 36.32 -13.49 -17.06
N VAL B 576 35.09 -13.41 -17.58
CA VAL B 576 33.97 -14.10 -16.99
C VAL B 576 34.16 -15.62 -17.07
N MET B 577 34.67 -16.11 -18.20
CA MET B 577 34.95 -17.53 -18.33
C MET B 577 36.02 -17.97 -17.34
N ALA B 578 37.08 -17.16 -17.19
CA ALA B 578 38.15 -17.49 -16.25
C ALA B 578 37.62 -17.52 -14.82
N ALA B 579 36.79 -16.54 -14.45
CA ALA B 579 36.23 -16.52 -13.10
C ALA B 579 35.29 -17.69 -12.86
N ALA B 580 34.49 -18.05 -13.87
CA ALA B 580 33.55 -19.16 -13.71
C ALA B 580 34.28 -20.49 -13.59
N GLN B 581 35.33 -20.70 -14.38
CA GLN B 581 36.07 -21.95 -14.30
C GLN B 581 36.97 -22.00 -13.08
N ALA B 582 37.43 -20.85 -12.58
CA ALA B 582 38.27 -20.84 -11.39
C ALA B 582 37.46 -21.11 -10.12
N ALA B 583 36.20 -20.69 -10.10
CA ALA B 583 35.32 -20.91 -8.96
C ALA B 583 34.45 -22.15 -9.13
N HIS B 584 34.71 -22.97 -10.14
CA HIS B 584 33.96 -24.19 -10.44
C HIS B 584 32.48 -23.92 -10.67
N ALA B 585 32.16 -22.76 -11.25
CA ALA B 585 30.78 -22.42 -11.55
C ALA B 585 30.30 -23.01 -12.87
N ASP B 586 31.21 -23.37 -13.77
CA ASP B 586 30.85 -23.79 -15.12
C ASP B 586 30.02 -25.07 -15.13
N ASP B 587 29.95 -25.77 -14.00
CA ASP B 587 29.08 -26.94 -13.94
C ASP B 587 27.67 -26.46 -14.19
N PHE B 588 27.12 -25.73 -13.23
CA PHE B 588 25.76 -25.18 -13.40
C PHE B 588 25.74 -24.22 -14.56
N ILE B 589 26.77 -23.39 -14.74
CA ILE B 589 26.65 -22.40 -15.81
C ILE B 589 26.61 -23.06 -17.19
N GLN B 590 27.31 -24.17 -17.38
CA GLN B 590 27.28 -24.71 -18.74
C GLN B 590 25.89 -25.08 -19.21
N GLU B 591 25.09 -25.68 -18.33
CA GLU B 591 23.72 -25.98 -18.70
C GLU B 591 22.90 -24.73 -18.95
N MET B 592 23.11 -23.69 -18.16
CA MET B 592 22.31 -22.48 -18.27
C MET B 592 21.93 -22.03 -19.67
N GLU B 593 20.65 -22.12 -20.02
CA GLU B 593 20.17 -21.61 -21.29
C GLU B 593 20.82 -20.27 -21.65
N HIS B 594 21.02 -20.06 -22.96
CA HIS B 594 21.71 -18.88 -23.53
C HIS B 594 23.07 -18.63 -22.89
N GLY B 595 23.70 -19.69 -22.38
CA GLY B 595 25.00 -19.57 -21.74
C GLY B 595 25.01 -18.61 -20.56
N ILE B 596 26.01 -17.72 -20.53
CA ILE B 596 26.10 -16.71 -19.48
C ILE B 596 25.17 -15.53 -19.70
N TYR B 597 24.61 -15.38 -20.90
CA TYR B 597 23.71 -14.28 -21.21
C TYR B 597 22.27 -14.56 -20.78
N THR B 598 22.08 -15.55 -19.90
CA THR B 598 20.78 -15.85 -19.35
C THR B 598 20.30 -14.74 -18.42
N ASP B 599 19.02 -14.81 -18.07
CA ASP B 599 18.39 -13.84 -17.19
C ASP B 599 18.16 -14.49 -15.83
N VAL B 600 18.90 -14.04 -14.82
CA VAL B 600 18.71 -14.50 -13.46
C VAL B 600 17.41 -13.92 -12.93
N GLY B 601 16.73 -14.66 -12.06
CA GLY B 601 15.53 -14.16 -11.43
C GLY B 601 15.81 -13.01 -10.48
N GLU B 602 14.74 -12.35 -10.05
CA GLU B 602 14.88 -11.21 -9.16
C GLU B 602 15.44 -11.64 -7.81
N LYS B 603 16.52 -10.97 -7.40
CA LYS B 603 17.27 -11.31 -6.17
C LYS B 603 17.72 -12.76 -6.18
N GLY B 604 18.08 -13.27 -7.36
CA GLY B 604 18.51 -14.65 -7.49
C GLY B 604 17.44 -15.68 -7.17
N SER B 605 16.20 -15.43 -7.62
CA SER B 605 15.11 -16.34 -7.32
C SER B 605 15.14 -17.61 -8.16
N GLN B 606 15.95 -17.66 -9.20
CA GLN B 606 16.03 -18.81 -10.09
C GLN B 606 17.23 -19.70 -9.79
N LEU B 607 17.90 -19.50 -8.66
CA LEU B 607 19.08 -20.27 -8.31
C LEU B 607 19.01 -20.70 -6.85
N ALA B 608 19.73 -21.76 -6.52
CA ALA B 608 19.84 -22.24 -5.15
C ALA B 608 21.02 -21.58 -4.46
N ALA B 609 21.27 -21.98 -3.20
CA ALA B 609 22.31 -21.35 -2.41
C ALA B 609 23.70 -21.66 -2.95
N GLY B 610 23.90 -22.87 -3.46
CA GLY B 610 25.21 -23.24 -3.98
C GLY B 610 25.63 -22.41 -5.18
N GLN B 611 24.70 -22.22 -6.12
CA GLN B 611 24.99 -21.36 -7.27
C GLN B 611 25.21 -19.92 -6.86
N LYS B 612 24.47 -19.45 -5.85
CA LYS B 612 24.67 -18.09 -5.35
C LYS B 612 26.07 -17.91 -4.79
N GLN B 613 26.53 -18.87 -3.97
CA GLN B 613 27.87 -18.79 -3.40
C GLN B 613 28.94 -18.90 -4.48
N ARG B 614 28.72 -19.78 -5.45
CA ARG B 614 29.68 -19.94 -6.55
C ARG B 614 29.80 -18.64 -7.35
N LEU B 615 28.66 -18.01 -7.66
CA LEU B 615 28.70 -16.77 -8.41
C LEU B 615 29.31 -15.64 -7.60
N ALA B 616 29.07 -15.62 -6.28
CA ALA B 616 29.67 -14.59 -5.44
C ALA B 616 31.19 -14.73 -5.39
N ILE B 617 31.70 -15.95 -5.23
CA ILE B 617 33.14 -16.11 -5.14
C ILE B 617 33.79 -15.87 -6.50
N ALA B 618 33.11 -16.21 -7.60
CA ALA B 618 33.63 -15.86 -8.92
C ALA B 618 33.63 -14.34 -9.12
N ARG B 619 32.61 -13.66 -8.61
CA ARG B 619 32.54 -12.20 -8.70
C ARG B 619 33.70 -11.56 -7.94
N ALA B 620 34.01 -12.09 -6.76
CA ALA B 620 35.16 -11.59 -6.02
C ALA B 620 36.47 -11.88 -6.75
N LEU B 621 36.57 -13.07 -7.35
CA LEU B 621 37.83 -13.47 -7.98
C LEU B 621 38.09 -12.75 -9.29
N VAL B 622 37.04 -12.26 -9.96
CA VAL B 622 37.20 -11.67 -11.29
C VAL B 622 38.01 -10.38 -11.28
N ARG B 623 38.16 -9.73 -10.12
CA ARG B 623 38.87 -8.45 -10.07
C ARG B 623 40.35 -8.59 -9.79
N ASP B 624 40.83 -9.80 -9.49
CA ASP B 624 42.19 -10.07 -9.01
C ASP B 624 42.51 -9.18 -7.82
N PRO B 625 41.92 -9.43 -6.66
CA PRO B 625 42.10 -8.53 -5.51
C PRO B 625 43.38 -8.83 -4.75
N ARG B 626 43.98 -7.76 -4.23
CA ARG B 626 45.15 -7.91 -3.39
C ARG B 626 44.80 -8.39 -1.99
N VAL B 627 43.60 -8.08 -1.51
CA VAL B 627 43.11 -8.55 -0.22
C VAL B 627 41.74 -9.18 -0.44
N LEU B 628 41.58 -10.43 -0.01
CA LEU B 628 40.36 -11.19 -0.24
C LEU B 628 39.84 -11.68 1.11
N ILE B 629 38.60 -11.33 1.43
CA ILE B 629 37.97 -11.69 2.69
C ILE B 629 36.80 -12.61 2.38
N LEU B 630 36.75 -13.74 3.08
CA LEU B 630 35.67 -14.72 2.92
C LEU B 630 34.95 -14.90 4.24
N ASP B 631 33.63 -14.98 4.19
CA ASP B 631 32.81 -15.32 5.36
C ASP B 631 32.26 -16.72 5.17
N GLU B 632 32.55 -17.62 6.12
CA GLU B 632 32.09 -19.00 6.13
C GLU B 632 32.51 -19.74 4.86
N ALA B 633 33.83 -19.87 4.69
CA ALA B 633 34.37 -20.49 3.49
C ALA B 633 34.13 -22.00 3.44
N THR B 634 33.86 -22.63 4.58
CA THR B 634 33.60 -24.07 4.60
C THR B 634 32.31 -24.38 5.33
N SER B 635 31.94 -23.53 6.30
CA SER B 635 30.70 -23.74 7.04
C SER B 635 29.47 -23.57 6.14
N ALA B 636 29.49 -22.54 5.30
CA ALA B 636 28.41 -22.29 4.35
C ALA B 636 28.81 -22.55 2.91
N LEU B 637 29.98 -22.07 2.50
CA LEU B 637 30.44 -22.28 1.14
C LEU B 637 30.89 -23.74 0.95
N ASP B 638 30.96 -24.14 -0.33
CA ASP B 638 31.33 -25.50 -0.66
C ASP B 638 32.79 -25.77 -0.34
N VAL B 639 33.10 -27.05 -0.07
CA VAL B 639 34.47 -27.44 0.22
C VAL B 639 35.35 -27.28 -1.02
N GLN B 640 34.77 -27.51 -2.21
CA GLN B 640 35.54 -27.35 -3.45
C GLN B 640 35.98 -25.90 -3.64
N CYS B 641 35.08 -24.94 -3.37
CA CYS B 641 35.46 -23.53 -3.48
C CYS B 641 36.50 -23.15 -2.45
N GLU B 642 36.39 -23.72 -1.23
CA GLU B 642 37.39 -23.45 -0.21
C GLU B 642 38.76 -24.00 -0.59
N GLN B 643 38.78 -25.19 -1.21
CA GLN B 643 40.04 -25.76 -1.65
C GLN B 643 40.57 -25.08 -2.91
N ALA B 644 39.71 -24.41 -3.67
CA ALA B 644 40.14 -23.74 -4.89
C ALA B 644 40.68 -22.34 -4.62
N LEU B 645 39.86 -21.47 -4.03
CA LEU B 645 40.22 -20.07 -3.88
C LEU B 645 41.38 -19.89 -2.90
N GLN B 646 41.40 -20.65 -1.82
CA GLN B 646 42.42 -20.53 -0.79
C GLN B 646 43.69 -21.30 -1.11
N ASP B 647 43.75 -21.99 -2.25
CA ASP B 647 44.95 -22.72 -2.62
C ASP B 647 45.38 -22.51 -4.06
N TRP B 648 44.86 -21.49 -4.74
CA TRP B 648 45.26 -21.16 -6.09
C TRP B 648 46.22 -19.97 -6.09
N ASN B 649 46.53 -19.46 -7.29
CA ASN B 649 47.41 -18.32 -7.41
C ASN B 649 46.80 -17.05 -6.82
N SER B 650 45.48 -16.98 -6.71
CA SER B 650 44.83 -15.85 -6.05
C SER B 650 45.08 -15.84 -4.56
N ARG B 651 45.49 -16.97 -3.98
CA ARG B 651 45.89 -17.04 -2.58
C ARG B 651 47.38 -17.32 -2.41
N GLY B 652 48.16 -17.13 -3.47
CA GLY B 652 49.58 -17.37 -3.42
C GLY B 652 50.38 -16.13 -3.06
N ASP B 653 49.95 -14.98 -3.56
CA ASP B 653 50.62 -13.71 -3.28
C ASP B 653 49.59 -12.63 -2.96
N ARG B 654 48.53 -13.00 -2.25
CA ARG B 654 47.51 -12.06 -1.84
C ARG B 654 47.04 -12.42 -0.44
N THR B 655 46.80 -11.38 0.38
CA THR B 655 46.33 -11.60 1.74
C THR B 655 44.90 -12.15 1.72
N VAL B 656 44.68 -13.23 2.47
CA VAL B 656 43.38 -13.87 2.57
C VAL B 656 42.95 -13.87 4.02
N LEU B 657 41.76 -13.36 4.29
CA LEU B 657 41.18 -13.38 5.63
C LEU B 657 39.90 -14.20 5.57
N VAL B 658 39.94 -15.41 6.13
CA VAL B 658 38.79 -16.31 6.14
C VAL B 658 38.18 -16.31 7.52
N ILE B 659 36.85 -16.25 7.58
CA ILE B 659 36.11 -16.20 8.83
C ILE B 659 35.32 -17.50 8.96
N ALA B 660 35.65 -18.29 9.98
CA ALA B 660 34.98 -19.56 10.22
C ALA B 660 34.63 -19.68 11.70
N HIS B 661 33.52 -20.36 11.98
CA HIS B 661 33.06 -20.58 13.34
C HIS B 661 33.54 -21.90 13.93
N ARG B 662 34.32 -22.68 13.18
CA ARG B 662 34.81 -23.97 13.63
C ARG B 662 36.31 -24.05 13.44
N LEU B 663 36.89 -25.16 13.90
CA LEU B 663 38.32 -25.38 13.81
C LEU B 663 38.73 -26.12 12.53
N GLN B 664 37.78 -26.40 11.64
CA GLN B 664 38.10 -27.08 10.38
C GLN B 664 39.03 -26.24 9.52
N THR B 665 38.88 -24.91 9.56
CA THR B 665 39.78 -24.03 8.84
C THR B 665 41.21 -24.13 9.36
N VAL B 666 41.41 -24.69 10.55
CA VAL B 666 42.75 -24.95 11.07
C VAL B 666 43.48 -25.98 10.23
N GLN B 667 42.78 -26.74 9.39
CA GLN B 667 43.44 -27.73 8.54
C GLN B 667 44.31 -27.08 7.46
N ARG B 668 44.12 -25.79 7.19
CA ARG B 668 44.92 -25.09 6.21
C ARG B 668 45.42 -23.73 6.66
N ALA B 669 44.88 -23.17 7.75
CA ALA B 669 45.24 -21.82 8.16
C ALA B 669 46.65 -21.79 8.73
N HIS B 670 47.31 -20.63 8.57
CA HIS B 670 48.63 -20.40 9.13
C HIS B 670 48.56 -19.56 10.40
N GLN B 671 47.97 -18.37 10.32
CA GLN B 671 47.85 -17.47 11.46
C GLN B 671 46.40 -17.44 11.91
N ILE B 672 46.12 -18.07 13.04
CA ILE B 672 44.75 -18.20 13.56
C ILE B 672 44.58 -17.21 14.70
N LEU B 673 43.52 -16.41 14.62
CA LEU B 673 43.18 -15.45 15.67
C LEU B 673 41.81 -15.78 16.22
N VAL B 674 41.71 -15.86 17.54
CA VAL B 674 40.44 -16.06 18.24
C VAL B 674 40.15 -14.82 19.06
N LEU B 675 38.91 -14.33 18.97
CA LEU B 675 38.51 -13.16 19.72
C LEU B 675 37.07 -13.34 20.16
N GLN B 676 36.78 -12.89 21.38
CA GLN B 676 35.43 -12.92 21.92
C GLN B 676 35.15 -11.61 22.64
N GLU B 677 33.87 -11.25 22.67
CA GLU B 677 33.31 -10.02 23.25
C GLU B 677 34.17 -8.78 22.99
N GLY B 678 34.70 -8.66 21.79
CA GLY B 678 35.43 -7.48 21.40
C GLY B 678 36.90 -7.44 21.80
N LYS B 679 37.44 -8.53 22.30
CA LYS B 679 38.85 -8.58 22.70
C LYS B 679 39.52 -9.81 22.11
N LEU B 680 40.75 -9.62 21.63
CA LEU B 680 41.54 -10.71 21.08
C LEU B 680 42.33 -11.40 22.19
N GLN B 681 42.47 -12.71 22.07
CA GLN B 681 43.21 -13.51 23.04
C GLN B 681 44.69 -13.16 23.05
N ILE C 1 -26.76 12.45 -4.89
CA ILE C 1 -25.79 13.54 -4.79
C ILE C 1 -25.38 14.04 -6.17
N LEU C 2 -24.21 14.67 -6.22
CA LEU C 2 -23.68 15.25 -7.44
C LEU C 2 -22.23 14.86 -7.63
N LYS C 3 -21.80 14.90 -8.89
CA LYS C 3 -20.42 14.55 -9.24
C LYS C 3 -19.55 15.77 -8.96
N GLU C 4 -18.60 15.62 -8.04
CA GLU C 4 -17.70 16.71 -7.69
C GLU C 4 -16.84 17.09 -8.90
N PRO C 5 -16.53 18.38 -9.06
CA PRO C 5 -15.81 18.80 -10.27
C PRO C 5 -14.38 18.28 -10.29
N VAL C 6 -13.96 17.78 -11.45
CA VAL C 6 -12.65 17.14 -11.58
C VAL C 6 -11.55 18.18 -11.81
N HIS C 7 -11.81 19.17 -12.65
CA HIS C 7 -10.90 20.28 -13.00
C HIS C 7 -9.46 19.82 -13.17
N GLY C 8 -9.26 18.97 -14.17
CA GLY C 8 -7.97 18.32 -14.40
C GLY C 8 -6.89 19.30 -14.83
N VAL C 9 -5.77 18.71 -15.27
CA VAL C 9 -4.57 19.45 -15.64
C VAL C 9 -4.83 20.36 -16.82
#